data_4L8F
#
_entry.id   4L8F
#
_cell.length_a   53.3960
_cell.length_b   198.0980
_cell.length_c   65.1120
_cell.angle_alpha   90.0000
_cell.angle_beta   113.8160
_cell.angle_gamma   90.0000
#
_symmetry.space_group_name_H-M   'P 1 21 1'
#
loop_
_entity.id
_entity.type
_entity.pdbx_description
1 polymer 'Gamma-glutamyl hydrolase'
2 non-polymer METHOTREXATE
3 water water
#
_entity_poly.entity_id   1
_entity_poly.type   'polypeptide(L)'
_entity_poly.pdbx_seq_one_letter_code
;MIHIFLLCLFTVANAVSIYNFGPLIKTNERPIIGVLAQDVFDPKPDRNSYIAASYVKFLESAGARVVPVMINKSEDEYSR
LFKSINGVLFPGGGVSLESSGYSKAAGIFYRLALEANSNGDYFPVWGTALGFELLTLLTSGELLLSHTNTSGIALPLDFT
EDVKGSRLFKEFPEELMKSLATEPLTENSHQWSITTENFTANKKLKKFYRVLSTNTDGYNKFVSTMEAYDFPIYATQWHP
EKNAFEWTRPYIPHTPSAIKTTFYMANFFVNEARKNLHSFASTEEEEKALIYNYKPEYTGIQSAFEQTYFFN
;
_entity_poly.pdbx_strand_id   C,D,B,A
#
loop_
_chem_comp.id
_chem_comp.type
_chem_comp.name
_chem_comp.formula
MTX non-polymer METHOTREXATE 'C20 H22 N8 O5'
#
# COMPACT_ATOMS: atom_id res chain seq x y z
N LYS A 26 20.92 30.92 27.40
CA LYS A 26 21.25 29.68 28.21
C LYS A 26 20.44 28.43 27.76
N THR A 27 21.15 27.33 27.52
CA THR A 27 20.58 26.12 26.84
C THR A 27 21.00 24.79 27.54
N ASN A 28 20.17 23.78 27.51
CA ASN A 28 20.49 22.53 28.15
C ASN A 28 20.85 21.50 27.06
N GLU A 29 22.13 21.14 26.97
CA GLU A 29 22.54 20.19 25.93
C GLU A 29 22.56 18.74 26.40
N ARG A 30 21.97 18.47 27.56
CA ARG A 30 21.75 17.10 27.97
C ARG A 30 20.26 16.86 28.35
N PRO A 31 19.31 17.13 27.44
CA PRO A 31 17.89 17.09 27.75
C PRO A 31 17.45 15.66 28.03
N ILE A 32 16.57 15.50 29.03
CA ILE A 32 15.96 14.24 29.34
C ILE A 32 14.45 14.44 29.27
N ILE A 33 13.78 13.60 28.50
CA ILE A 33 12.36 13.79 28.26
C ILE A 33 11.62 12.56 28.80
N GLY A 34 10.50 12.79 29.50
CA GLY A 34 9.64 11.68 29.95
C GLY A 34 8.71 11.15 28.85
N VAL A 35 8.47 9.84 28.87
CA VAL A 35 7.46 9.24 28.00
C VAL A 35 6.54 8.47 28.93
N LEU A 36 5.26 8.78 28.85
CA LEU A 36 4.24 8.13 29.68
C LEU A 36 3.95 6.70 29.29
N ALA A 37 4.03 5.81 30.27
CA ALA A 37 3.57 4.41 30.09
C ALA A 37 2.08 4.39 30.16
N GLN A 38 1.51 3.35 29.59
CA GLN A 38 0.08 3.19 29.65
C GLN A 38 -0.38 1.81 30.02
N ASP A 39 -1.60 1.76 30.55
CA ASP A 39 -2.24 0.61 31.17
C ASP A 39 -2.22 -0.56 30.21
N VAL A 40 -1.73 -1.72 30.65
CA VAL A 40 -1.84 -2.90 29.80
C VAL A 40 -3.28 -3.48 29.88
N PHE A 41 -3.86 -3.82 28.74
CA PHE A 41 -5.24 -4.33 28.70
C PHE A 41 -5.55 -5.49 29.66
N ASP A 42 -4.72 -6.50 29.68
CA ASP A 42 -5.00 -7.65 30.54
C ASP A 42 -3.82 -7.71 31.55
N PRO A 43 -3.82 -6.81 32.57
CA PRO A 43 -2.56 -6.56 33.27
C PRO A 43 -2.13 -7.70 34.18
N LYS A 44 -0.82 -7.88 34.29
CA LYS A 44 -0.22 -8.78 35.27
C LYS A 44 0.91 -8.10 36.03
N PRO A 45 1.37 -8.72 37.14
CA PRO A 45 2.62 -8.23 37.73
C PRO A 45 3.77 -8.24 36.70
N ASP A 46 4.63 -7.21 36.80
CA ASP A 46 5.63 -6.87 35.77
C ASP A 46 5.08 -6.64 34.37
N ARG A 47 3.77 -6.47 34.28
CA ARG A 47 3.10 -6.23 33.02
C ARG A 47 1.83 -5.41 33.23
N ASN A 48 1.96 -4.35 34.02
CA ASN A 48 0.85 -3.44 34.34
C ASN A 48 0.70 -2.26 33.35
N SER A 49 1.79 -1.89 32.69
CA SER A 49 1.78 -0.75 31.73
C SER A 49 2.90 -1.06 30.73
N TYR A 50 2.92 -0.30 29.61
CA TYR A 50 3.92 -0.50 28.56
C TYR A 50 4.23 0.83 27.87
N ILE A 51 5.38 0.86 27.21
CA ILE A 51 5.77 1.84 26.23
C ILE A 51 6.36 1.18 24.96
N ALA A 52 5.79 1.47 23.80
CA ALA A 52 6.35 1.02 22.56
C ALA A 52 7.70 1.64 22.37
N ALA A 53 8.67 0.82 22.03
CA ALA A 53 10.07 1.32 21.94
C ALA A 53 10.27 2.41 20.85
N SER A 54 9.44 2.43 19.83
CA SER A 54 9.60 3.43 18.79
C SER A 54 9.50 4.87 19.33
N TYR A 55 8.78 5.07 20.44
CA TYR A 55 8.68 6.45 21.03
C TYR A 55 9.99 6.83 21.72
N VAL A 56 10.67 5.82 22.28
CA VAL A 56 11.97 6.00 22.91
C VAL A 56 12.95 6.32 21.78
N LYS A 57 12.94 5.51 20.70
CA LYS A 57 13.90 5.72 19.60
C LYS A 57 13.71 7.10 18.91
N PHE A 58 12.46 7.49 18.84
CA PHE A 58 12.03 8.80 18.28
C PHE A 58 12.82 9.94 18.93
N LEU A 59 12.82 9.92 20.23
CA LEU A 59 13.45 10.99 21.01
C LEU A 59 14.96 10.89 21.09
N GLU A 60 15.47 9.66 21.22
CA GLU A 60 16.92 9.42 21.30
C GLU A 60 17.64 9.87 20.07
N SER A 61 17.01 9.66 18.91
CA SER A 61 17.62 9.96 17.61
C SER A 61 17.84 11.46 17.45
N ALA A 62 17.04 12.26 18.14
CA ALA A 62 17.20 13.72 18.10
C ALA A 62 18.04 14.22 19.26
N GLY A 63 18.75 13.32 19.95
CA GLY A 63 19.74 13.77 20.92
C GLY A 63 19.16 14.05 22.30
N ALA A 64 18.19 13.24 22.71
CA ALA A 64 17.68 13.30 24.06
C ALA A 64 17.85 11.95 24.73
N ARG A 65 17.86 11.95 26.06
CA ARG A 65 17.67 10.72 26.82
C ARG A 65 16.25 10.64 27.29
N VAL A 66 15.84 9.45 27.75
CA VAL A 66 14.44 9.18 28.00
C VAL A 66 14.28 8.54 29.36
N VAL A 67 13.27 9.05 30.08
CA VAL A 67 12.82 8.42 31.35
C VAL A 67 11.37 7.87 31.14
N PRO A 68 11.11 6.57 31.46
CA PRO A 68 9.72 6.14 31.42
C PRO A 68 8.93 6.75 32.58
N VAL A 69 7.72 7.26 32.33
CA VAL A 69 6.90 7.74 33.42
C VAL A 69 5.89 6.66 33.77
N MET A 70 6.00 6.14 34.98
CA MET A 70 5.10 5.13 35.46
C MET A 70 3.69 5.59 35.75
N ILE A 71 2.79 4.65 35.61
CA ILE A 71 1.41 4.84 35.84
C ILE A 71 0.79 5.00 37.21
N ASN A 72 1.17 4.30 38.23
CA ASN A 72 0.09 4.57 39.26
C ASN A 72 0.68 5.26 40.47
N LYS A 73 1.42 6.34 40.21
CA LYS A 73 2.24 7.05 41.21
C LYS A 73 1.49 8.23 41.83
N SER A 74 2.08 8.80 42.87
CA SER A 74 1.48 9.91 43.57
C SER A 74 1.83 11.25 42.95
N GLU A 75 0.98 12.23 43.21
CA GLU A 75 1.23 13.60 42.86
C GLU A 75 2.67 14.07 43.22
N ASP A 76 3.18 13.71 44.40
CA ASP A 76 4.54 14.17 44.82
C ASP A 76 5.63 13.52 43.99
N GLU A 77 5.48 12.22 43.71
CA GLU A 77 6.44 11.49 42.94
C GLU A 77 6.50 12.13 41.51
N TYR A 78 5.31 12.39 40.94
CA TYR A 78 5.32 13.03 39.60
C TYR A 78 5.88 14.41 39.67
N SER A 79 5.56 15.14 40.73
CA SER A 79 6.10 16.48 40.85
C SER A 79 7.65 16.47 40.92
N ARG A 80 8.23 15.50 41.66
CA ARG A 80 9.71 15.37 41.77
C ARG A 80 10.29 15.08 40.39
N LEU A 81 9.68 14.12 39.68
CA LEU A 81 10.17 13.77 38.32
C LEU A 81 9.99 14.94 37.35
N PHE A 82 8.78 15.52 37.30
CA PHE A 82 8.58 16.74 36.51
C PHE A 82 9.69 17.79 36.70
N LYS A 83 10.07 18.08 37.94
CA LYS A 83 11.10 19.10 38.19
C LYS A 83 12.52 18.67 37.83
N SER A 84 12.67 17.38 37.48
CA SER A 84 13.95 16.80 37.08
C SER A 84 14.15 16.72 35.55
N ILE A 85 13.07 16.59 34.78
CA ILE A 85 13.18 16.31 33.36
C ILE A 85 12.80 17.53 32.55
N ASN A 86 13.04 17.43 31.23
CA ASN A 86 13.02 18.63 30.41
C ASN A 86 11.86 18.71 29.42
N GLY A 87 10.95 17.74 29.40
CA GLY A 87 9.87 17.78 28.44
C GLY A 87 9.13 16.47 28.72
N VAL A 88 7.95 16.29 28.14
CA VAL A 88 7.22 15.03 28.31
C VAL A 88 6.38 14.69 27.07
N LEU A 89 6.37 13.41 26.69
CA LEU A 89 5.59 12.99 25.56
C LEU A 89 4.48 12.05 26.02
N PHE A 90 3.29 12.29 25.48
CA PHE A 90 2.13 11.42 25.66
C PHE A 90 1.92 10.55 24.40
N PRO A 91 2.23 9.27 24.51
CA PRO A 91 2.24 8.47 23.29
C PRO A 91 0.85 7.96 22.87
N GLY A 92 0.78 7.31 21.72
CA GLY A 92 -0.48 6.76 21.23
C GLY A 92 -0.80 5.54 22.07
N GLY A 93 -1.92 4.92 21.74
CA GLY A 93 -2.33 3.64 22.31
C GLY A 93 -3.84 3.49 22.34
N GLY A 94 -4.29 2.52 23.13
CA GLY A 94 -5.73 2.23 23.17
C GLY A 94 -6.41 2.23 24.52
N VAL A 95 -5.95 3.03 25.49
CA VAL A 95 -6.59 3.07 26.81
C VAL A 95 -7.65 4.17 26.90
N SER A 96 -8.44 4.17 27.97
CA SER A 96 -9.48 5.23 28.16
C SER A 96 -8.85 6.64 28.36
N LEU A 97 -9.37 7.64 27.67
CA LEU A 97 -8.94 9.05 27.97
C LEU A 97 -9.46 9.54 29.33
N GLU A 98 -10.37 8.78 29.94
CA GLU A 98 -11.03 9.27 31.14
C GLU A 98 -10.60 8.55 32.39
N SER A 99 -10.45 7.24 32.32
CA SER A 99 -10.43 6.49 33.57
C SER A 99 -9.16 5.70 33.84
N SER A 100 -8.14 5.94 33.03
CA SER A 100 -6.96 5.08 33.03
C SER A 100 -5.85 5.74 33.88
N GLY A 101 -4.93 4.93 34.41
CA GLY A 101 -3.71 5.46 35.04
C GLY A 101 -2.99 6.42 34.05
N TYR A 102 -3.01 6.07 32.78
CA TYR A 102 -2.35 6.94 31.79
C TYR A 102 -2.99 8.32 31.76
N SER A 103 -4.33 8.36 31.71
CA SER A 103 -5.00 9.66 31.58
C SER A 103 -4.78 10.50 32.84
N LYS A 104 -4.73 9.82 33.96
CA LYS A 104 -4.57 10.55 35.21
C LYS A 104 -3.17 11.12 35.28
N ALA A 105 -2.16 10.29 34.95
CA ALA A 105 -0.78 10.82 35.01
C ALA A 105 -0.54 11.95 33.97
N ALA A 106 -1.20 11.85 32.82
CA ALA A 106 -1.03 12.88 31.78
C ALA A 106 -1.65 14.21 32.24
N GLY A 107 -2.78 14.13 32.94
CA GLY A 107 -3.44 15.33 33.47
C GLY A 107 -2.58 16.01 34.50
N ILE A 108 -1.95 15.23 35.39
CA ILE A 108 -0.96 15.76 36.34
C ILE A 108 0.21 16.48 35.62
N PHE A 109 0.84 15.83 34.62
CA PHE A 109 1.90 16.55 33.83
C PHE A 109 1.45 17.79 33.09
N TYR A 110 0.24 17.73 32.55
CA TYR A 110 -0.36 18.85 31.81
C TYR A 110 -0.54 20.05 32.75
N ARG A 111 -1.09 19.85 33.95
CA ARG A 111 -1.22 21.04 34.86
C ARG A 111 0.14 21.53 35.33
N LEU A 112 1.06 20.60 35.62
CA LEU A 112 2.41 21.04 36.01
C LEU A 112 3.06 21.85 34.93
N ALA A 113 2.88 21.45 33.68
CA ALA A 113 3.50 22.16 32.57
C ALA A 113 2.91 23.57 32.37
N LEU A 114 1.59 23.66 32.45
CA LEU A 114 0.91 24.99 32.38
C LEU A 114 1.39 25.90 33.52
N GLU A 115 1.50 25.35 34.75
CA GLU A 115 2.05 26.12 35.90
C GLU A 115 3.47 26.68 35.56
N ALA A 116 4.38 25.79 35.20
CA ALA A 116 5.77 26.16 34.95
C ALA A 116 5.88 27.18 33.85
N ASN A 117 5.15 26.94 32.75
CA ASN A 117 5.26 27.83 31.59
C ASN A 117 4.71 29.19 31.97
N SER A 118 3.60 29.16 32.71
CA SER A 118 2.95 30.39 33.15
C SER A 118 3.86 31.23 34.05
N ASN A 119 4.61 30.56 34.91
CA ASN A 119 5.51 31.24 35.84
C ASN A 119 6.72 31.76 35.09
N GLY A 120 6.99 31.22 33.91
CA GLY A 120 8.18 31.60 33.14
C GLY A 120 9.26 30.55 32.97
N ASP A 121 9.02 29.33 33.37
CA ASP A 121 9.88 28.22 33.03
C ASP A 121 9.37 27.43 31.80
N TYR A 122 10.18 27.30 30.79
CA TYR A 122 9.75 26.71 29.51
C TYR A 122 9.76 25.19 29.64
N PHE A 123 8.62 24.54 29.36
CA PHE A 123 8.52 23.07 29.50
C PHE A 123 7.56 22.54 28.45
N PRO A 124 8.08 21.77 27.47
CA PRO A 124 7.30 21.36 26.31
C PRO A 124 6.59 20.02 26.52
N VAL A 125 5.49 19.86 25.82
CA VAL A 125 4.63 18.69 25.94
C VAL A 125 4.29 18.26 24.50
N TRP A 126 4.42 16.97 24.19
CA TRP A 126 4.05 16.45 22.91
C TRP A 126 2.97 15.37 23.06
N GLY A 127 1.92 15.41 22.22
CA GLY A 127 0.88 14.38 22.25
C GLY A 127 0.83 13.65 20.93
N THR A 128 0.82 12.30 20.91
CA THR A 128 0.75 11.57 19.65
C THR A 128 -0.48 10.66 19.69
N ALA A 129 -1.39 10.84 18.72
CA ALA A 129 -2.57 9.97 18.56
C ALA A 129 -3.42 10.01 19.80
N LEU A 130 -3.44 8.92 20.57
CA LEU A 130 -4.13 8.96 21.88
C LEU A 130 -3.73 10.20 22.66
N GLY A 131 -2.45 10.54 22.61
CA GLY A 131 -1.94 11.69 23.36
C GLY A 131 -2.54 12.99 22.83
N PHE A 132 -2.69 13.09 21.50
CA PHE A 132 -3.40 14.25 20.88
C PHE A 132 -4.85 14.31 21.36
N GLU A 133 -5.54 13.18 21.31
CA GLU A 133 -6.91 13.11 21.79
C GLU A 133 -7.04 13.60 23.22
N LEU A 134 -6.16 13.08 24.08
CA LEU A 134 -6.11 13.50 25.48
C LEU A 134 -6.00 15.00 25.65
N LEU A 135 -5.05 15.61 24.94
CA LEU A 135 -4.94 17.06 25.00
C LEU A 135 -6.23 17.81 24.61
N THR A 136 -6.98 17.35 23.61
CA THR A 136 -8.22 18.04 23.34
C THR A 136 -9.18 18.00 24.53
N LEU A 137 -9.20 16.86 25.23
CA LEU A 137 -10.01 16.64 26.44
C LEU A 137 -9.48 17.42 27.64
N LEU A 138 -8.17 17.39 27.86
CA LEU A 138 -7.56 18.20 28.91
C LEU A 138 -7.72 19.70 28.75
N THR A 139 -7.65 20.20 27.52
CA THR A 139 -7.86 21.64 27.44
C THR A 139 -9.30 22.12 27.32
N SER A 140 -10.17 21.38 26.63
CA SER A 140 -11.54 21.84 26.51
C SER A 140 -12.45 21.40 27.66
N GLY A 141 -12.11 20.35 28.38
CA GLY A 141 -13.08 19.77 29.33
C GLY A 141 -14.06 18.76 28.73
N GLU A 142 -14.06 18.58 27.42
CA GLU A 142 -15.09 17.73 26.80
C GLU A 142 -14.49 16.64 25.89
N LEU A 143 -15.22 15.54 25.76
CA LEU A 143 -14.85 14.46 24.81
C LEU A 143 -15.58 14.74 23.47
N LEU A 144 -14.81 15.16 22.47
CA LEU A 144 -15.36 15.70 21.22
C LEU A 144 -15.05 14.80 19.99
N LEU A 145 -14.78 13.53 20.22
CA LEU A 145 -14.19 12.65 19.20
C LEU A 145 -15.32 11.96 18.45
N SER A 146 -15.11 11.74 17.17
CA SER A 146 -16.06 10.99 16.34
C SER A 146 -15.31 10.02 15.41
N HIS A 147 -16.03 9.06 14.83
CA HIS A 147 -15.44 7.97 14.08
C HIS A 147 -14.93 8.40 12.72
N THR A 148 -13.70 7.98 12.38
CA THR A 148 -13.13 8.23 11.08
C THR A 148 -12.53 6.94 10.61
N ASN A 149 -12.51 6.75 9.28
CA ASN A 149 -11.96 5.53 8.68
C ASN A 149 -10.43 5.63 8.52
N THR A 150 -9.71 5.58 9.64
CA THR A 150 -8.29 5.97 9.64
C THR A 150 -7.46 4.97 10.41
N SER A 151 -7.97 3.75 10.42
CA SER A 151 -7.34 2.65 11.15
C SER A 151 -6.33 1.89 10.27
N GLY A 152 -5.15 2.48 10.07
CA GLY A 152 -4.12 1.91 9.18
C GLY A 152 -4.06 2.45 7.73
N ILE A 153 -3.81 3.74 7.60
CA ILE A 153 -3.80 4.39 6.30
C ILE A 153 -2.65 5.43 6.34
N ALA A 154 -2.00 5.68 5.23
CA ALA A 154 -0.91 6.68 5.18
C ALA A 154 -1.46 7.89 4.44
N LEU A 155 -1.23 9.11 4.92
CA LEU A 155 -1.83 10.32 4.28
C LEU A 155 -0.78 11.39 4.10
N PRO A 156 -1.03 12.32 3.19
CA PRO A 156 -0.22 13.52 3.19
C PRO A 156 -0.76 14.44 4.27
N LEU A 157 -0.19 15.62 4.46
CA LEU A 157 -0.80 16.58 5.39
C LEU A 157 -1.45 17.69 4.52
N ASP A 158 -2.68 18.06 4.85
CA ASP A 158 -3.31 19.19 4.19
C ASP A 158 -3.12 20.38 5.11
N PHE A 159 -2.11 21.13 4.81
CA PHE A 159 -1.67 22.14 5.70
C PHE A 159 -2.72 23.25 5.68
N THR A 160 -2.86 23.88 6.83
CA THR A 160 -3.77 25.00 6.94
C THR A 160 -3.08 26.28 6.51
N GLU A 161 -3.89 27.34 6.47
CA GLU A 161 -3.42 28.68 6.20
C GLU A 161 -2.43 29.22 7.26
N ASP A 162 -2.49 28.67 8.50
CA ASP A 162 -1.56 29.06 9.59
C ASP A 162 -0.21 28.32 9.65
N VAL A 163 0.04 27.34 8.77
CA VAL A 163 1.38 26.68 8.74
C VAL A 163 2.53 27.65 8.51
N LYS A 164 2.24 28.73 7.78
CA LYS A 164 3.28 29.70 7.39
C LYS A 164 4.23 30.17 8.48
N GLY A 165 3.66 30.77 9.51
CA GLY A 165 4.56 31.26 10.57
C GLY A 165 4.66 30.32 11.75
N SER A 166 4.30 29.04 11.58
CA SER A 166 4.16 28.11 12.73
C SER A 166 5.50 27.96 13.49
N ARG A 167 5.45 27.42 14.68
CA ARG A 167 6.72 27.10 15.34
C ARG A 167 7.21 25.68 14.92
N LEU A 168 6.28 24.73 14.88
CA LEU A 168 6.66 23.32 14.69
C LEU A 168 7.45 23.18 13.43
N PHE A 169 6.94 23.71 12.32
CA PHE A 169 7.55 23.44 11.02
C PHE A 169 8.57 24.50 10.56
N LYS A 170 8.87 25.46 11.44
CA LYS A 170 9.78 26.56 11.10
C LYS A 170 11.17 26.12 10.59
N GLU A 171 11.64 24.99 11.08
CA GLU A 171 12.99 24.52 10.77
C GLU A 171 13.03 23.32 9.83
N PHE A 172 11.92 23.06 9.14
CA PHE A 172 11.86 21.97 8.18
C PHE A 172 12.37 22.50 6.84
N PRO A 173 13.18 21.69 6.10
CA PRO A 173 13.52 22.07 4.72
C PRO A 173 12.28 22.22 3.87
N GLU A 174 12.34 23.20 2.97
CA GLU A 174 11.31 23.44 1.98
C GLU A 174 10.90 22.18 1.22
N GLU A 175 11.89 21.45 0.70
CA GLU A 175 11.59 20.26 -0.06
C GLU A 175 10.79 19.25 0.77
N LEU A 176 11.11 19.16 2.07
CA LEU A 176 10.38 18.23 2.97
C LEU A 176 8.95 18.71 3.19
N MET A 177 8.75 20.02 3.38
CA MET A 177 7.41 20.59 3.45
C MET A 177 6.56 20.25 2.18
N LYS A 178 7.18 20.34 1.02
CA LYS A 178 6.46 20.05 -0.22
C LYS A 178 6.18 18.56 -0.27
N SER A 179 7.11 17.72 0.16
CA SER A 179 6.81 16.25 0.18
C SER A 179 5.70 15.89 1.13
N LEU A 180 5.64 16.54 2.29
CA LEU A 180 4.59 16.26 3.29
C LEU A 180 3.17 16.58 2.77
N ALA A 181 3.06 17.71 2.03
CA ALA A 181 1.81 18.14 1.40
C ALA A 181 1.34 17.20 0.29
N THR A 182 2.26 16.52 -0.38
CA THR A 182 1.84 15.77 -1.58
C THR A 182 2.10 14.26 -1.56
N GLU A 183 2.81 13.75 -0.56
CA GLU A 183 3.12 12.30 -0.52
C GLU A 183 2.53 11.67 0.75
N PRO A 184 2.19 10.37 0.70
CA PRO A 184 1.52 9.78 1.85
C PRO A 184 2.58 9.48 2.93
N LEU A 185 3.02 10.50 3.68
CA LEU A 185 4.13 10.33 4.61
C LEU A 185 3.73 10.10 6.06
N THR A 186 2.42 10.22 6.38
CA THR A 186 2.00 10.17 7.79
C THR A 186 1.12 8.98 8.05
N GLU A 187 1.48 8.19 9.08
CA GLU A 187 0.75 6.97 9.47
C GLU A 187 -0.36 7.32 10.42
N ASN A 188 -1.58 6.90 10.05
CA ASN A 188 -2.78 7.06 10.83
C ASN A 188 -3.25 5.66 11.25
N SER A 189 -3.39 5.47 12.56
CA SER A 189 -4.09 4.30 13.11
C SER A 189 -4.95 4.68 14.29
N HIS A 190 -6.07 5.28 14.01
CA HIS A 190 -6.93 5.82 15.03
C HIS A 190 -8.34 5.64 14.53
N GLN A 191 -9.21 5.11 15.39
CA GLN A 191 -10.61 4.94 15.06
C GLN A 191 -11.40 6.23 15.35
N TRP A 192 -10.83 7.14 16.13
CA TRP A 192 -11.44 8.43 16.49
C TRP A 192 -10.65 9.61 15.94
N SER A 193 -11.34 10.71 15.64
CA SER A 193 -10.69 12.01 15.39
C SER A 193 -11.55 13.15 15.98
N ILE A 194 -11.06 14.38 15.86
CA ILE A 194 -11.82 15.58 16.18
C ILE A 194 -11.97 16.26 14.85
N THR A 195 -13.21 16.34 14.34
CA THR A 195 -13.43 17.02 13.10
C THR A 195 -13.07 18.46 13.23
N THR A 196 -12.72 19.09 12.13
CA THR A 196 -12.48 20.52 12.14
C THR A 196 -13.73 21.29 12.55
N GLU A 197 -14.88 20.73 12.23
CA GLU A 197 -16.16 21.37 12.62
C GLU A 197 -16.33 21.33 14.13
N ASN A 198 -16.11 20.16 14.74
CA ASN A 198 -16.26 20.09 16.17
C ASN A 198 -15.19 20.94 16.86
N PHE A 199 -13.98 20.97 16.29
CA PHE A 199 -12.89 21.76 16.88
C PHE A 199 -13.28 23.24 16.86
N THR A 200 -13.67 23.73 15.69
CA THR A 200 -13.97 25.15 15.53
C THR A 200 -15.17 25.64 16.31
N ALA A 201 -16.12 24.75 16.58
CA ALA A 201 -17.31 25.05 17.37
C ALA A 201 -16.91 25.13 18.87
N ASN A 202 -15.81 24.51 19.26
CA ASN A 202 -15.40 24.60 20.64
C ASN A 202 -14.56 25.84 20.96
N LYS A 203 -15.16 26.76 21.74
CA LYS A 203 -14.50 28.04 22.02
C LYS A 203 -13.13 27.82 22.66
N LYS A 204 -13.07 26.91 23.62
CA LYS A 204 -11.81 26.75 24.33
C LYS A 204 -10.68 26.25 23.42
N LEU A 205 -10.94 25.23 22.61
CA LEU A 205 -9.87 24.72 21.74
C LEU A 205 -9.50 25.72 20.65
N LYS A 206 -10.50 26.35 20.04
CA LYS A 206 -10.22 27.36 19.00
C LYS A 206 -9.30 28.43 19.56
N LYS A 207 -9.48 28.83 20.82
CA LYS A 207 -8.60 29.90 21.36
C LYS A 207 -7.21 29.38 21.75
N PHE A 208 -7.17 28.14 22.23
CA PHE A 208 -5.93 27.56 22.79
C PHE A 208 -4.91 27.03 21.73
N TYR A 209 -5.43 26.43 20.66
CA TYR A 209 -4.62 25.74 19.68
C TYR A 209 -4.70 26.31 18.26
N ARG A 210 -3.52 26.53 17.67
CA ARG A 210 -3.39 26.81 16.24
C ARG A 210 -3.37 25.45 15.47
N VAL A 211 -4.35 25.23 14.59
CA VAL A 211 -4.37 23.96 13.79
C VAL A 211 -3.39 24.15 12.63
N LEU A 212 -2.43 23.22 12.45
CA LEU A 212 -1.44 23.34 11.41
C LEU A 212 -1.78 22.45 10.19
N SER A 213 -2.43 21.31 10.41
CA SER A 213 -2.88 20.51 9.28
C SER A 213 -4.19 19.78 9.60
N THR A 214 -4.89 19.45 8.52
CA THR A 214 -6.11 18.71 8.61
C THR A 214 -5.99 17.53 7.66
N ASN A 215 -6.96 16.65 7.67
CA ASN A 215 -6.98 15.52 6.74
C ASN A 215 -8.43 15.07 6.63
N THR A 216 -8.72 14.19 5.67
CA THR A 216 -10.05 13.66 5.49
C THR A 216 -10.06 12.16 5.25
N ASP A 217 -11.04 11.47 5.77
CA ASP A 217 -11.19 10.07 5.37
C ASP A 217 -12.17 9.95 4.17
N GLY A 218 -12.53 11.11 3.58
CA GLY A 218 -13.50 11.13 2.46
C GLY A 218 -14.90 11.56 2.88
N TYR A 219 -15.16 11.50 4.18
CA TYR A 219 -16.46 11.78 4.74
C TYR A 219 -16.39 12.91 5.77
N ASN A 220 -15.31 12.93 6.59
CA ASN A 220 -15.15 13.90 7.67
C ASN A 220 -13.75 14.49 7.71
N LYS A 221 -13.67 15.80 7.70
CA LYS A 221 -12.40 16.48 7.73
C LYS A 221 -12.02 16.68 9.21
N PHE A 222 -10.81 16.23 9.61
CA PHE A 222 -10.40 16.21 11.04
C PHE A 222 -9.05 16.96 11.28
N VAL A 223 -8.75 17.31 12.51
CA VAL A 223 -7.50 17.98 12.80
C VAL A 223 -6.43 16.92 12.88
N SER A 224 -5.33 17.15 12.19
CA SER A 224 -4.21 16.14 12.20
C SER A 224 -2.92 16.65 12.90
N THR A 225 -2.66 17.97 12.88
CA THR A 225 -1.46 18.53 13.55
C THR A 225 -1.83 19.88 14.18
N MET A 226 -1.41 20.14 15.42
CA MET A 226 -1.77 21.42 16.09
C MET A 226 -0.68 21.83 17.08
N GLU A 227 -0.64 23.11 17.42
CA GLU A 227 0.28 23.57 18.44
C GLU A 227 -0.41 24.67 19.25
N ALA A 228 -0.13 24.74 20.57
CA ALA A 228 -0.76 25.84 21.37
C ALA A 228 -0.22 27.22 20.94
N TYR A 229 -1.10 28.22 20.87
CA TYR A 229 -0.64 29.59 20.64
C TYR A 229 0.32 30.04 21.68
N ASP A 230 0.00 29.79 22.96
CA ASP A 230 0.71 30.51 24.04
C ASP A 230 1.58 29.60 24.91
N PHE A 231 1.63 28.31 24.54
CA PHE A 231 2.40 27.30 25.27
C PHE A 231 3.16 26.37 24.32
N PRO A 232 4.28 25.76 24.79
CA PRO A 232 5.01 24.80 23.93
C PRO A 232 4.40 23.41 24.02
N ILE A 233 3.17 23.32 23.49
CA ILE A 233 2.39 22.12 23.50
C ILE A 233 2.13 21.80 22.03
N TYR A 234 2.57 20.60 21.61
CA TYR A 234 2.53 20.15 20.19
C TYR A 234 1.82 18.82 20.11
N ALA A 235 1.00 18.62 19.06
CA ALA A 235 0.28 17.33 18.97
C ALA A 235 -0.03 16.94 17.50
N THR A 236 0.06 15.63 17.23
CA THR A 236 -0.22 15.02 15.94
C THR A 236 -1.22 13.89 16.17
N GLN A 237 -2.24 13.81 15.30
CA GLN A 237 -3.15 12.65 15.30
C GLN A 237 -2.49 11.39 14.71
N TRP A 238 -1.47 11.61 13.89
CA TRP A 238 -0.69 10.60 13.20
C TRP A 238 0.57 10.28 14.03
N HIS A 239 1.36 9.32 13.56
CA HIS A 239 2.50 8.73 14.28
C HIS A 239 3.84 8.99 13.65
N PRO A 240 4.47 10.17 13.94
CA PRO A 240 5.76 10.43 13.28
C PRO A 240 6.84 9.34 13.57
N GLU A 241 6.76 8.68 14.73
CA GLU A 241 7.84 7.79 15.18
C GLU A 241 7.85 6.46 14.42
N LYS A 242 6.75 6.14 13.75
CA LYS A 242 6.65 4.84 12.98
C LYS A 242 7.52 4.70 11.74
N ASN A 243 7.75 5.81 11.04
CA ASN A 243 8.34 5.68 9.70
C ASN A 243 9.72 5.08 9.77
N ALA A 244 10.53 5.51 10.75
CA ALA A 244 11.89 5.02 10.80
C ALA A 244 12.03 3.69 11.56
N PHE A 245 11.07 3.42 12.42
CA PHE A 245 11.30 2.46 13.53
C PHE A 245 10.38 1.28 13.58
N GLU A 246 9.24 1.31 12.88
CA GLU A 246 8.27 0.20 12.90
C GLU A 246 8.13 -0.42 11.52
N TRP A 247 8.22 -1.75 11.45
CA TRP A 247 8.26 -2.43 10.17
C TRP A 247 7.22 -3.56 10.12
N THR A 248 6.16 -3.42 10.90
CA THR A 248 5.24 -4.53 11.20
C THR A 248 4.03 -4.54 10.19
N ARG A 249 3.79 -3.42 9.51
CA ARG A 249 2.52 -3.23 8.79
C ARG A 249 2.83 -2.56 7.45
N PRO A 250 2.10 -2.96 6.39
CA PRO A 250 2.35 -2.50 5.01
C PRO A 250 1.94 -1.07 4.76
N TYR A 251 1.19 -0.45 5.65
CA TYR A 251 0.83 0.94 5.38
C TYR A 251 1.76 1.96 6.09
N ILE A 252 2.82 1.51 6.74
CA ILE A 252 3.75 2.47 7.36
C ILE A 252 4.66 3.09 6.31
N PRO A 253 4.68 4.42 6.20
CA PRO A 253 5.53 5.03 5.15
C PRO A 253 7.02 4.78 5.43
N HIS A 254 7.78 4.38 4.42
CA HIS A 254 9.21 4.22 4.62
C HIS A 254 10.06 4.81 3.51
N THR A 255 9.50 5.71 2.70
CA THR A 255 10.30 6.39 1.70
C THR A 255 11.36 7.28 2.35
N PRO A 256 12.38 7.70 1.58
CA PRO A 256 13.33 8.59 2.19
C PRO A 256 12.78 9.84 2.84
N SER A 257 11.77 10.49 2.28
CA SER A 257 11.24 11.68 2.95
C SER A 257 10.39 11.31 4.15
N ALA A 258 9.71 10.16 4.14
CA ALA A 258 9.11 9.67 5.39
C ALA A 258 10.12 9.54 6.56
N ILE A 259 11.32 9.05 6.26
CA ILE A 259 12.40 8.95 7.24
C ILE A 259 12.83 10.34 7.76
N LYS A 260 13.06 11.29 6.86
CA LYS A 260 13.40 12.64 7.31
C LYS A 260 12.25 13.28 8.08
N THR A 261 11.00 13.05 7.69
CA THR A 261 9.88 13.48 8.56
C THR A 261 10.07 13.05 10.02
N THR A 262 10.37 11.78 10.27
CA THR A 262 10.48 11.40 11.71
C THR A 262 11.67 12.11 12.40
N PHE A 263 12.75 12.31 11.65
CA PHE A 263 13.87 13.03 12.27
C PHE A 263 13.52 14.50 12.56
N TYR A 264 12.99 15.22 11.58
CA TYR A 264 12.62 16.65 11.76
C TYR A 264 11.55 16.91 12.81
N MET A 265 10.58 16.01 12.92
CA MET A 265 9.54 16.14 13.97
C MET A 265 10.21 16.03 15.33
N ALA A 266 11.05 15.03 15.50
CA ALA A 266 11.66 14.85 16.86
C ALA A 266 12.69 15.94 17.10
N ASN A 267 13.41 16.33 16.08
CA ASN A 267 14.40 17.42 16.21
C ASN A 267 13.79 18.71 16.74
N PHE A 268 12.63 19.07 16.25
CA PHE A 268 11.97 20.24 16.75
C PHE A 268 11.67 20.08 18.24
N PHE A 269 11.03 18.98 18.61
CA PHE A 269 10.62 18.81 20.00
C PHE A 269 11.81 18.81 20.94
N VAL A 270 12.87 18.10 20.61
CA VAL A 270 14.02 18.02 21.54
C VAL A 270 14.67 19.39 21.63
N ASN A 271 14.66 20.14 20.53
CA ASN A 271 15.19 21.50 20.59
C ASN A 271 14.31 22.35 21.51
N GLU A 272 13.03 21.98 21.62
CA GLU A 272 12.18 22.63 22.67
C GLU A 272 12.64 22.32 24.07
N ALA A 273 12.85 21.03 24.34
CA ALA A 273 13.36 20.53 25.64
C ALA A 273 14.69 21.16 26.05
N ARG A 274 15.52 21.51 25.07
CA ARG A 274 16.79 22.14 25.36
C ARG A 274 16.62 23.53 25.89
N LYS A 275 15.40 24.07 25.82
CA LYS A 275 15.15 25.38 26.46
C LYS A 275 14.84 25.24 27.93
N ASN A 276 14.65 23.99 28.38
CA ASN A 276 14.31 23.76 29.78
C ASN A 276 15.59 23.38 30.57
N LEU A 277 15.77 23.97 31.75
CA LEU A 277 17.00 23.79 32.55
C LEU A 277 16.76 22.97 33.83
N HIS A 278 15.66 22.27 33.98
CA HIS A 278 15.55 21.33 35.11
C HIS A 278 16.67 20.33 35.09
N SER A 279 17.12 19.87 36.26
CA SER A 279 17.96 18.66 36.30
C SER A 279 17.58 17.80 37.51
N PHE A 280 18.01 16.55 37.49
CA PHE A 280 17.94 15.67 38.67
C PHE A 280 18.84 16.15 39.83
N ALA A 281 18.45 15.77 41.05
CA ALA A 281 19.14 16.23 42.27
C ALA A 281 20.59 15.73 42.27
N SER A 282 20.78 14.49 41.78
CA SER A 282 22.07 13.81 41.75
C SER A 282 22.16 12.93 40.48
N THR A 283 23.39 12.71 39.99
CA THR A 283 23.63 11.82 38.85
C THR A 283 23.17 10.41 39.15
N GLU A 284 23.24 10.02 40.43
CA GLU A 284 22.73 8.72 40.86
C GLU A 284 21.24 8.60 40.65
N GLU A 285 20.50 9.61 41.04
CA GLU A 285 19.06 9.45 40.86
C GLU A 285 18.69 9.55 39.36
N GLU A 286 19.41 10.40 38.64
CA GLU A 286 19.25 10.47 37.18
C GLU A 286 19.47 9.07 36.56
N GLU A 287 20.59 8.42 36.92
CA GLU A 287 20.92 7.09 36.41
C GLU A 287 19.89 6.00 36.69
N LYS A 288 19.25 6.02 37.86
CA LYS A 288 18.20 5.04 38.12
C LYS A 288 16.90 5.25 37.36
N ALA A 289 16.65 6.49 36.94
CA ALA A 289 15.33 6.79 36.31
C ALA A 289 15.39 6.47 34.83
N LEU A 290 16.59 6.45 34.23
CA LEU A 290 16.70 6.37 32.76
C LEU A 290 16.14 5.08 32.20
N ILE A 291 15.59 5.15 30.97
CA ILE A 291 15.14 3.99 30.18
C ILE A 291 16.15 2.85 30.08
N TYR A 292 17.44 3.16 30.13
CA TYR A 292 18.54 2.18 30.03
C TYR A 292 18.46 1.06 31.10
N ASN A 293 17.72 1.32 32.17
CA ASN A 293 17.41 0.32 33.20
C ASN A 293 16.42 -0.78 32.83
N TYR A 294 15.77 -0.68 31.68
CA TYR A 294 14.64 -1.55 31.33
C TYR A 294 14.96 -2.22 30.02
N LYS A 295 14.55 -3.47 29.85
CA LYS A 295 14.81 -4.19 28.62
C LYS A 295 13.45 -4.45 27.99
N PRO A 296 13.29 -4.13 26.69
CA PRO A 296 12.01 -4.34 26.02
C PRO A 296 11.89 -5.78 25.47
N GLU A 297 10.69 -6.26 25.21
CA GLU A 297 10.51 -7.56 24.63
C GLU A 297 10.34 -7.45 23.14
N TYR A 298 10.78 -8.46 22.44
CA TYR A 298 10.48 -8.59 20.98
C TYR A 298 9.03 -8.96 20.71
N THR A 299 8.24 -7.99 20.24
CA THR A 299 6.78 -8.17 20.09
C THR A 299 6.36 -8.11 18.63
N GLY A 300 7.32 -7.84 17.75
CA GLY A 300 7.04 -7.60 16.35
C GLY A 300 6.56 -8.76 15.48
N ILE A 301 6.66 -10.01 15.93
CA ILE A 301 6.09 -11.09 15.11
C ILE A 301 4.58 -10.95 14.97
N GLN A 302 3.93 -10.48 16.03
CA GLN A 302 2.49 -10.26 15.99
C GLN A 302 2.03 -8.79 16.18
N SER A 303 2.57 -8.10 17.19
CA SER A 303 2.15 -6.74 17.56
C SER A 303 2.42 -5.69 16.46
N ALA A 304 1.75 -4.55 16.53
CA ALA A 304 2.07 -3.42 15.70
C ALA A 304 3.44 -2.86 16.09
N PHE A 305 3.94 -3.23 17.27
CA PHE A 305 5.21 -2.70 17.73
C PHE A 305 6.32 -3.71 17.65
N GLU A 306 7.45 -3.32 17.03
CA GLU A 306 8.57 -4.26 16.94
C GLU A 306 9.02 -4.69 18.33
N GLN A 307 9.17 -3.69 19.19
CA GLN A 307 9.65 -3.86 20.55
C GLN A 307 8.84 -3.04 21.51
N THR A 308 8.61 -3.68 22.67
CA THR A 308 7.81 -3.03 23.73
C THR A 308 8.32 -3.22 25.14
N TYR A 309 8.42 -2.09 25.84
CA TYR A 309 8.84 -2.09 27.22
C TYR A 309 7.61 -2.36 28.08
N PHE A 310 7.70 -3.35 28.96
CA PHE A 310 6.64 -3.65 29.95
C PHE A 310 7.17 -3.31 31.35
N PHE A 311 6.31 -2.74 32.16
CA PHE A 311 6.66 -2.32 33.53
C PHE A 311 5.72 -2.92 34.55
N ASN A 312 6.25 -3.26 35.74
CA ASN A 312 5.41 -3.48 36.94
C ASN A 312 4.69 -2.20 37.32
N LYS B 26 14.36 -0.03 -9.40
CA LYS B 26 13.92 -0.68 -8.11
C LYS B 26 14.83 -0.22 -6.95
N THR B 27 14.25 0.23 -5.82
CA THR B 27 15.02 0.30 -4.57
C THR B 27 14.38 -0.64 -3.55
N ASN B 28 15.07 -0.83 -2.44
CA ASN B 28 14.63 -1.71 -1.39
C ASN B 28 14.20 -0.77 -0.27
N GLU B 29 12.92 -0.77 0.09
CA GLU B 29 12.44 0.15 1.19
C GLU B 29 12.39 -0.47 2.57
N ARG B 30 12.93 -1.69 2.66
CA ARG B 30 13.07 -2.39 3.91
C ARG B 30 14.52 -2.81 4.11
N PRO B 31 15.51 -1.87 4.05
CA PRO B 31 16.90 -2.35 4.21
C PRO B 31 17.28 -2.93 5.57
N ILE B 32 18.11 -3.97 5.52
CA ILE B 32 18.65 -4.60 6.70
C ILE B 32 20.15 -4.54 6.64
N ILE B 33 20.79 -3.99 7.67
CA ILE B 33 22.24 -3.82 7.65
C ILE B 33 22.86 -4.64 8.78
N GLY B 34 23.97 -5.31 8.51
CA GLY B 34 24.63 -6.07 9.56
C GLY B 34 25.62 -5.19 10.30
N VAL B 35 25.79 -5.47 11.60
CA VAL B 35 26.83 -4.73 12.35
C VAL B 35 27.70 -5.81 12.99
N LEU B 36 29.01 -5.74 12.73
CA LEU B 36 29.95 -6.75 13.25
C LEU B 36 30.13 -6.65 14.76
N ALA B 37 29.92 -7.80 15.44
CA ALA B 37 30.26 -7.97 16.86
C ALA B 37 31.79 -8.16 17.00
N GLN B 38 32.32 -7.92 18.17
CA GLN B 38 33.72 -7.85 18.48
C GLN B 38 34.09 -8.70 19.69
N ASP B 39 35.25 -9.36 19.64
CA ASP B 39 35.68 -10.24 20.75
C ASP B 39 35.75 -9.46 22.08
N VAL B 40 35.19 -10.04 23.15
CA VAL B 40 35.27 -9.51 24.52
C VAL B 40 36.65 -9.91 25.15
N PHE B 41 37.35 -8.96 25.75
CA PHE B 41 38.71 -9.23 26.21
C PHE B 41 38.94 -10.40 27.19
N ASP B 42 37.99 -10.68 28.02
CA ASP B 42 38.16 -11.84 28.89
C ASP B 42 36.79 -12.51 28.82
N PRO B 43 36.58 -13.31 27.75
CA PRO B 43 35.27 -13.78 27.29
C PRO B 43 34.71 -14.84 28.23
N LYS B 44 33.38 -14.86 28.40
CA LYS B 44 32.71 -15.93 29.16
C LYS B 44 31.44 -16.33 28.42
N PRO B 45 30.83 -17.50 28.77
CA PRO B 45 29.62 -17.87 28.02
C PRO B 45 28.59 -16.71 28.05
N ASP B 46 27.84 -16.54 26.95
CA ASP B 46 26.96 -15.35 26.77
C ASP B 46 27.69 -14.01 26.81
N ARG B 47 29.02 -14.06 26.77
CA ARG B 47 29.79 -12.85 26.86
C ARG B 47 31.12 -13.04 26.12
N ASN B 48 31.04 -13.64 24.95
CA ASN B 48 32.15 -13.82 24.03
C ASN B 48 32.40 -12.68 23.04
N SER B 49 31.34 -11.95 22.71
CA SER B 49 31.53 -10.77 21.82
C SER B 49 30.54 -9.69 22.19
N TYR B 50 30.67 -8.51 21.54
CA TYR B 50 29.77 -7.41 21.89
C TYR B 50 29.55 -6.45 20.73
N ILE B 51 28.42 -5.74 20.80
CA ILE B 51 28.17 -4.51 19.98
C ILE B 51 27.63 -3.39 20.86
N ALA B 52 28.25 -2.21 20.76
CA ALA B 52 27.78 -1.07 21.49
C ALA B 52 26.46 -0.62 20.85
N ALA B 53 25.44 -0.28 21.64
CA ALA B 53 24.06 -0.08 21.11
C ALA B 53 24.03 1.14 20.24
N SER B 54 24.96 2.05 20.39
CA SER B 54 24.92 3.33 19.61
C SER B 54 25.07 3.04 18.13
N TYR B 55 25.77 1.95 17.76
CA TYR B 55 25.88 1.63 16.33
C TYR B 55 24.58 1.13 15.78
N VAL B 56 23.82 0.44 16.62
CA VAL B 56 22.52 -0.06 16.22
C VAL B 56 21.53 1.13 16.05
N LYS B 57 21.57 2.04 17.03
CA LYS B 57 20.63 3.16 17.05
C LYS B 57 20.93 4.06 15.84
N PHE B 58 22.19 4.23 15.54
CA PHE B 58 22.67 5.03 14.34
C PHE B 58 21.96 4.63 13.03
N LEU B 59 21.94 3.34 12.76
CA LEU B 59 21.31 2.76 11.57
C LEU B 59 19.80 2.80 11.59
N GLU B 60 19.19 2.45 12.74
CA GLU B 60 17.75 2.39 12.84
C GLU B 60 17.13 3.75 12.61
N SER B 61 17.81 4.76 13.10
CA SER B 61 17.32 6.12 13.01
C SER B 61 17.24 6.64 11.56
N ALA B 62 18.01 6.06 10.64
CA ALA B 62 17.90 6.45 9.21
C ALA B 62 16.99 5.46 8.44
N GLY B 63 16.31 4.59 9.18
CA GLY B 63 15.25 3.71 8.66
C GLY B 63 15.78 2.41 8.13
N ALA B 64 16.70 1.80 8.88
CA ALA B 64 17.16 0.46 8.55
C ALA B 64 16.89 -0.45 9.75
N ARG B 65 16.80 -1.76 9.50
CA ARG B 65 16.80 -2.71 10.60
C ARG B 65 18.20 -3.22 10.67
N VAL B 66 18.57 -3.85 11.80
CA VAL B 66 19.92 -4.30 12.00
C VAL B 66 19.97 -5.77 12.38
N VAL B 67 20.96 -6.46 11.80
CA VAL B 67 21.34 -7.79 12.20
C VAL B 67 22.73 -7.76 12.85
N PRO B 68 22.89 -8.38 14.06
CA PRO B 68 24.26 -8.55 14.56
C PRO B 68 25.00 -9.63 13.76
N VAL B 69 26.25 -9.39 13.37
CA VAL B 69 27.05 -10.40 12.67
C VAL B 69 28.01 -11.02 13.72
N MET B 70 27.73 -12.28 14.06
CA MET B 70 28.50 -12.94 15.14
C MET B 70 29.91 -13.16 14.72
N ILE B 71 30.78 -13.28 15.68
CA ILE B 71 32.14 -13.57 15.44
C ILE B 71 32.55 -15.02 15.23
N ASN B 72 31.95 -16.05 15.73
CA ASN B 72 32.99 -17.13 15.31
C ASN B 72 32.49 -18.12 14.29
N LYS B 73 31.90 -17.61 13.23
CA LYS B 73 31.05 -18.44 12.37
C LYS B 73 31.80 -19.02 11.17
N SER B 74 31.13 -19.90 10.43
CA SER B 74 31.75 -20.46 9.28
C SER B 74 31.64 -19.52 8.08
N GLU B 75 32.50 -19.77 7.10
CA GLU B 75 32.49 -19.08 5.81
C GLU B 75 31.14 -19.19 5.10
N ASP B 76 30.52 -20.37 5.19
CA ASP B 76 29.21 -20.63 4.58
C ASP B 76 28.10 -19.85 5.30
N GLU B 77 28.18 -19.74 6.63
CA GLU B 77 27.18 -18.99 7.35
C GLU B 77 27.31 -17.49 6.99
N TYR B 78 28.53 -17.00 6.87
CA TYR B 78 28.68 -15.57 6.52
C TYR B 78 28.20 -15.32 5.10
N SER B 79 28.48 -16.25 4.19
CA SER B 79 27.97 -16.15 2.84
C SER B 79 26.45 -16.01 2.79
N ARG B 80 25.77 -16.88 3.53
CA ARG B 80 24.33 -16.93 3.62
C ARG B 80 23.75 -15.65 4.21
N LEU B 81 24.39 -15.14 5.27
CA LEU B 81 23.97 -13.86 5.87
C LEU B 81 24.22 -12.72 4.86
N PHE B 82 25.43 -12.64 4.35
CA PHE B 82 25.81 -11.58 3.36
C PHE B 82 24.78 -11.50 2.23
N LYS B 83 24.42 -12.67 1.68
CA LYS B 83 23.42 -12.75 0.61
C LYS B 83 21.97 -12.40 1.05
N SER B 84 21.76 -12.27 2.35
CA SER B 84 20.43 -11.90 2.86
C SER B 84 20.26 -10.42 3.23
N ILE B 85 21.36 -9.73 3.51
CA ILE B 85 21.32 -8.37 4.08
C ILE B 85 21.82 -7.36 3.03
N ASN B 86 21.67 -6.07 3.33
CA ASN B 86 21.74 -5.03 2.31
C ASN B 86 22.93 -4.12 2.53
N GLY B 87 23.69 -4.35 3.62
CA GLY B 87 24.99 -3.65 3.75
C GLY B 87 25.66 -4.09 5.02
N VAL B 88 26.85 -3.57 5.29
CA VAL B 88 27.49 -3.92 6.60
C VAL B 88 28.27 -2.78 7.14
N LEU B 89 28.31 -2.74 8.47
CA LEU B 89 29.15 -1.77 9.17
C LEU B 89 30.21 -2.45 10.06
N PHE B 90 31.42 -1.92 10.04
CA PHE B 90 32.49 -2.38 10.89
C PHE B 90 32.70 -1.30 11.97
N PRO B 91 32.25 -1.56 13.21
CA PRO B 91 32.32 -0.56 14.29
C PRO B 91 33.72 -0.28 14.87
N GLY B 92 33.83 0.75 15.71
CA GLY B 92 35.08 1.00 16.44
C GLY B 92 35.19 -0.01 17.56
N GLY B 93 36.24 0.12 18.37
CA GLY B 93 36.51 -0.82 19.49
C GLY B 93 38.01 -0.93 19.70
N GLY B 94 38.45 -2.01 20.36
CA GLY B 94 39.83 -2.10 20.86
C GLY B 94 40.45 -3.44 20.50
N VAL B 95 39.80 -4.19 19.64
CA VAL B 95 40.19 -5.57 19.34
C VAL B 95 41.38 -5.60 18.33
N SER B 96 42.04 -6.76 18.13
CA SER B 96 43.16 -6.80 17.17
C SER B 96 42.67 -6.61 15.69
N LEU B 97 43.43 -5.85 14.91
CA LEU B 97 43.16 -5.65 13.48
C LEU B 97 43.60 -6.85 12.67
N GLU B 98 44.38 -7.74 13.28
CA GLU B 98 45.01 -8.84 12.53
C GLU B 98 44.64 -10.20 13.04
N SER B 99 44.35 -10.37 14.32
CA SER B 99 44.14 -11.73 14.77
C SER B 99 42.81 -12.01 15.50
N SER B 100 41.87 -11.08 15.48
CA SER B 100 40.61 -11.23 16.24
C SER B 100 39.56 -11.90 15.37
N GLY B 101 38.49 -12.42 16.00
CA GLY B 101 37.34 -12.94 15.27
C GLY B 101 36.70 -11.80 14.43
N TYR B 102 36.72 -10.58 14.98
CA TYR B 102 36.18 -9.41 14.29
C TYR B 102 36.95 -9.18 12.99
N SER B 103 38.28 -9.12 13.08
CA SER B 103 39.10 -8.85 11.90
C SER B 103 38.86 -9.95 10.84
N LYS B 104 38.69 -11.20 11.29
CA LYS B 104 38.41 -12.30 10.36
C LYS B 104 37.07 -12.21 9.63
N ALA B 105 35.99 -12.00 10.37
CA ALA B 105 34.66 -11.79 9.82
C ALA B 105 34.67 -10.57 8.86
N ALA B 106 35.28 -9.47 9.31
CA ALA B 106 35.35 -8.27 8.46
C ALA B 106 36.05 -8.56 7.14
N GLY B 107 37.13 -9.34 7.18
CA GLY B 107 37.85 -9.68 5.95
C GLY B 107 36.95 -10.48 5.01
N ILE B 108 36.15 -11.40 5.55
CA ILE B 108 35.22 -12.18 4.76
C ILE B 108 34.15 -11.29 4.13
N PHE B 109 33.57 -10.37 4.92
CA PHE B 109 32.57 -9.46 4.34
C PHE B 109 33.18 -8.53 3.28
N TYR B 110 34.40 -8.09 3.55
CA TYR B 110 35.11 -7.19 2.63
C TYR B 110 35.26 -7.88 1.27
N ARG B 111 35.76 -9.11 1.28
CA ARG B 111 35.94 -9.86 0.08
C ARG B 111 34.59 -10.14 -0.62
N LEU B 112 33.56 -10.56 0.14
CA LEU B 112 32.20 -10.76 -0.44
C LEU B 112 31.66 -9.46 -1.06
N ALA B 113 31.84 -8.35 -0.35
CA ALA B 113 31.43 -7.01 -0.92
C ALA B 113 32.16 -6.66 -2.19
N LEU B 114 33.47 -6.93 -2.25
CA LEU B 114 34.25 -6.53 -3.47
C LEU B 114 33.77 -7.37 -4.67
N GLU B 115 33.49 -8.64 -4.38
CA GLU B 115 32.93 -9.55 -5.41
C GLU B 115 31.58 -9.11 -5.92
N ALA B 116 30.65 -8.89 -4.99
CA ALA B 116 29.29 -8.48 -5.40
C ALA B 116 29.33 -7.16 -6.24
N ASN B 117 30.12 -6.21 -5.81
CA ASN B 117 30.06 -4.91 -6.48
C ASN B 117 30.70 -5.08 -7.83
N SER B 118 31.81 -5.84 -7.88
CA SER B 118 32.51 -6.08 -9.16
C SER B 118 31.60 -6.74 -10.16
N ASN B 119 30.70 -7.61 -9.67
CA ASN B 119 29.84 -8.38 -10.58
C ASN B 119 28.70 -7.51 -11.08
N GLY B 120 28.48 -6.36 -10.44
CA GLY B 120 27.31 -5.48 -10.72
C GLY B 120 26.16 -5.40 -9.70
N ASP B 121 26.28 -6.07 -8.56
CA ASP B 121 25.35 -5.83 -7.48
C ASP B 121 25.86 -4.51 -6.81
N TYR B 122 25.15 -4.02 -5.85
CA TYR B 122 25.59 -2.85 -5.11
C TYR B 122 25.48 -3.29 -3.67
N PHE B 123 26.59 -3.26 -2.94
CA PHE B 123 26.61 -3.64 -1.52
C PHE B 123 27.54 -2.74 -0.68
N PRO B 124 26.96 -1.88 0.22
CA PRO B 124 27.81 -0.83 0.77
C PRO B 124 28.46 -1.32 2.07
N VAL B 125 29.62 -0.76 2.32
CA VAL B 125 30.39 -1.08 3.49
C VAL B 125 30.76 0.23 4.22
N TRP B 126 30.49 0.26 5.53
CA TRP B 126 30.86 1.39 6.36
C TRP B 126 31.87 0.97 7.45
N GLY B 127 33.00 1.70 7.57
CA GLY B 127 33.94 1.51 8.65
C GLY B 127 34.04 2.74 9.57
N THR B 128 33.88 2.50 10.88
CA THR B 128 34.05 3.57 11.89
C THR B 128 35.23 3.30 12.80
N ALA B 129 36.20 4.23 12.78
CA ALA B 129 37.29 4.28 13.80
C ALA B 129 38.17 3.03 13.70
N LEU B 130 38.05 2.05 14.62
CA LEU B 130 38.75 0.76 14.43
C LEU B 130 38.42 0.20 13.04
N GLY B 131 37.13 0.24 12.68
CA GLY B 131 36.68 -0.22 11.35
C GLY B 131 37.30 0.55 10.17
N PHE B 132 37.47 1.87 10.28
CA PHE B 132 38.27 2.65 9.30
C PHE B 132 39.73 2.14 9.22
N GLU B 133 40.35 1.90 10.39
CA GLU B 133 41.72 1.40 10.44
C GLU B 133 41.82 0.03 9.79
N LEU B 134 40.84 -0.81 10.05
CA LEU B 134 40.82 -2.14 9.47
C LEU B 134 40.78 -2.04 7.95
N LEU B 135 39.97 -1.11 7.43
CA LEU B 135 39.85 -0.95 5.96
C LEU B 135 41.18 -0.54 5.33
N THR B 136 41.95 0.34 5.96
CA THR B 136 43.27 0.67 5.43
C THR B 136 44.17 -0.54 5.29
N LEU B 137 43.99 -1.49 6.16
CA LEU B 137 44.77 -2.78 6.18
C LEU B 137 44.18 -3.81 5.25
N LEU B 138 42.86 -3.89 5.19
CA LEU B 138 42.21 -4.75 4.21
C LEU B 138 42.60 -4.33 2.78
N THR B 139 42.61 -3.04 2.51
CA THR B 139 42.99 -2.67 1.16
C THR B 139 44.48 -2.62 0.81
N SER B 140 45.33 -2.13 1.71
CA SER B 140 46.78 -1.95 1.38
C SER B 140 47.60 -3.21 1.68
N GLY B 141 47.04 -4.10 2.52
CA GLY B 141 47.77 -5.27 3.01
C GLY B 141 48.80 -4.92 4.06
N GLU B 142 48.83 -3.68 4.56
CA GLU B 142 49.88 -3.25 5.52
C GLU B 142 49.28 -2.41 6.67
N LEU B 143 49.96 -2.36 7.84
CA LEU B 143 49.54 -1.50 8.95
C LEU B 143 50.32 -0.27 8.86
N LEU B 144 49.67 0.86 8.66
CA LEU B 144 50.43 2.07 8.43
C LEU B 144 50.07 3.16 9.46
N LEU B 145 49.63 2.75 10.64
CA LEU B 145 49.08 3.69 11.61
C LEU B 145 50.18 4.30 12.46
N SER B 146 49.98 5.54 12.90
CA SER B 146 50.92 6.30 13.74
C SER B 146 50.14 6.84 14.95
N HIS B 147 50.84 7.04 16.07
CA HIS B 147 50.17 7.59 17.25
C HIS B 147 49.76 9.05 17.08
N THR B 148 48.54 9.34 17.51
CA THR B 148 48.01 10.70 17.49
C THR B 148 47.35 10.95 18.84
N ASN B 149 47.42 12.20 19.26
CA ASN B 149 46.92 12.61 20.55
C ASN B 149 45.44 12.98 20.40
N THR B 150 44.65 11.95 20.10
CA THR B 150 43.26 12.10 19.74
C THR B 150 42.37 11.07 20.49
N SER B 151 42.79 10.61 21.68
CA SER B 151 42.01 9.55 22.36
C SER B 151 40.66 10.01 22.96
N GLY B 152 40.43 11.33 23.06
CA GLY B 152 39.10 11.81 23.45
C GLY B 152 38.96 13.29 23.18
N ILE B 153 38.59 13.68 21.95
CA ILE B 153 38.50 15.15 21.63
C ILE B 153 37.47 15.33 20.57
N ALA B 154 36.80 16.50 20.63
CA ALA B 154 35.83 16.93 19.61
C ALA B 154 36.53 17.83 18.59
N LEU B 155 36.36 17.56 17.30
CA LEU B 155 37.11 18.31 16.24
C LEU B 155 36.17 18.66 15.12
N PRO B 156 36.48 19.74 14.36
CA PRO B 156 35.75 20.03 13.15
C PRO B 156 36.24 19.07 12.08
N LEU B 157 35.80 19.19 10.84
CA LEU B 157 36.48 18.45 9.79
C LEU B 157 37.15 19.45 8.85
N ASP B 158 38.38 19.17 8.46
CA ASP B 158 39.08 19.98 7.44
C ASP B 158 38.91 19.32 6.08
N PHE B 159 37.88 19.76 5.34
CA PHE B 159 37.50 19.13 4.06
C PHE B 159 38.61 19.33 3.04
N THR B 160 38.77 18.35 2.18
CA THR B 160 39.73 18.47 1.08
C THR B 160 38.95 19.13 -0.06
N GLU B 161 39.62 19.60 -1.09
CA GLU B 161 38.96 20.09 -2.29
C GLU B 161 38.04 19.01 -2.86
N ASP B 162 38.40 17.77 -2.66
CA ASP B 162 37.68 16.63 -3.22
C ASP B 162 36.30 16.43 -2.60
N VAL B 163 35.98 17.20 -1.58
CA VAL B 163 34.66 17.03 -1.00
C VAL B 163 33.54 17.45 -1.91
N LYS B 164 33.85 18.36 -2.85
CA LYS B 164 32.80 18.89 -3.78
C LYS B 164 32.15 17.80 -4.67
N GLY B 165 32.96 17.03 -5.36
CA GLY B 165 32.38 15.93 -6.16
C GLY B 165 31.74 14.78 -5.33
N SER B 166 31.90 14.80 -4.00
CA SER B 166 31.87 13.56 -3.23
C SER B 166 30.49 12.88 -3.17
N ARG B 167 30.48 11.55 -2.96
CA ARG B 167 29.18 10.87 -2.76
C ARG B 167 28.61 11.09 -1.37
N LEU B 168 29.46 10.92 -0.35
CA LEU B 168 29.02 10.92 1.06
C LEU B 168 28.27 12.20 1.45
N PHE B 169 28.82 13.33 1.05
CA PHE B 169 28.27 14.57 1.55
C PHE B 169 27.29 15.18 0.58
N LYS B 170 26.94 14.47 -0.48
CA LYS B 170 26.13 15.11 -1.55
C LYS B 170 24.81 15.71 -1.09
N GLU B 171 24.08 15.01 -0.22
CA GLU B 171 22.80 15.47 0.32
C GLU B 171 22.88 16.25 1.63
N PHE B 172 24.08 16.59 2.13
CA PHE B 172 24.14 17.38 3.39
C PHE B 172 23.69 18.82 3.12
N PRO B 173 22.87 19.40 4.01
CA PRO B 173 22.54 20.81 3.87
C PRO B 173 23.80 21.68 3.87
N GLU B 174 23.81 22.69 3.02
CA GLU B 174 24.96 23.62 2.93
C GLU B 174 25.35 24.22 4.31
N GLU B 175 24.36 24.57 5.13
CA GLU B 175 24.71 25.13 6.44
C GLU B 175 25.38 24.08 7.31
N LEU B 176 24.93 22.83 7.15
CA LEU B 176 25.53 21.75 7.96
C LEU B 176 26.99 21.53 7.57
N MET B 177 27.28 21.62 6.29
CA MET B 177 28.69 21.53 5.79
C MET B 177 29.58 22.66 6.34
N LYS B 178 29.03 23.87 6.41
CA LYS B 178 29.77 25.02 7.01
C LYS B 178 29.97 24.79 8.49
N SER B 179 28.94 24.31 9.19
CA SER B 179 29.14 24.00 10.59
C SER B 179 30.20 22.90 10.87
N LEU B 180 30.22 21.80 10.10
CA LEU B 180 31.25 20.74 10.25
C LEU B 180 32.68 21.27 10.04
N ALA B 181 32.83 22.23 9.11
CA ALA B 181 34.13 22.87 8.85
C ALA B 181 34.64 23.73 10.01
N THR B 182 33.73 24.33 10.79
CA THR B 182 34.14 25.35 11.79
C THR B 182 33.79 25.02 13.26
N GLU B 183 33.06 23.95 13.51
CA GLU B 183 32.63 23.68 14.88
C GLU B 183 33.07 22.28 15.30
N PRO B 184 33.31 22.06 16.61
CA PRO B 184 33.82 20.74 16.99
C PRO B 184 32.71 19.66 17.04
N LEU B 185 32.28 19.16 15.88
CA LEU B 185 31.08 18.30 15.82
C LEU B 185 31.39 16.82 15.74
N THR B 186 32.68 16.47 15.67
CA THR B 186 33.07 15.08 15.38
C THR B 186 33.85 14.48 16.53
N GLU B 187 33.35 13.33 17.06
CA GLU B 187 33.94 12.69 18.22
C GLU B 187 35.13 11.82 17.83
N ASN B 188 36.33 12.20 18.30
CA ASN B 188 37.55 11.43 18.07
C ASN B 188 37.89 10.76 19.38
N SER B 189 38.09 9.45 19.31
CA SER B 189 38.52 8.69 20.47
C SER B 189 39.40 7.56 19.96
N HIS B 190 40.53 7.95 19.37
CA HIS B 190 41.47 7.00 18.75
C HIS B 190 42.88 7.38 19.11
N GLN B 191 43.68 6.39 19.43
CA GLN B 191 45.11 6.65 19.72
C GLN B 191 45.98 6.52 18.48
N TRP B 192 45.42 5.93 17.41
CA TRP B 192 46.12 5.70 16.14
C TRP B 192 45.36 6.40 15.04
N SER B 193 46.10 6.73 13.97
CA SER B 193 45.57 7.35 12.74
C SER B 193 46.51 7.02 11.55
N ILE B 194 46.11 7.26 10.28
CA ILE B 194 47.13 7.20 9.24
C ILE B 194 47.33 8.62 8.81
N THR B 195 48.58 9.08 8.83
CA THR B 195 48.83 10.44 8.42
C THR B 195 48.57 10.58 6.93
N THR B 196 48.21 11.76 6.49
CA THR B 196 48.01 12.00 5.05
C THR B 196 49.24 11.66 4.22
N GLU B 197 50.42 11.96 4.75
CA GLU B 197 51.69 11.55 4.12
C GLU B 197 51.85 10.03 3.95
N ASN B 198 51.60 9.20 4.97
CA ASN B 198 51.69 7.74 4.80
C ASN B 198 50.60 7.16 3.89
N PHE B 199 49.42 7.77 3.93
CA PHE B 199 48.29 7.36 3.07
C PHE B 199 48.71 7.58 1.60
N THR B 200 49.15 8.80 1.32
CA THR B 200 49.61 9.21 -0.01
C THR B 200 50.78 8.38 -0.56
N ALA B 201 51.74 8.02 0.30
CA ALA B 201 52.92 7.23 -0.13
C ALA B 201 52.55 5.80 -0.37
N ASN B 202 51.39 5.37 0.16
CA ASN B 202 50.89 4.02 -0.17
C ASN B 202 50.13 3.97 -1.52
N LYS B 203 50.72 3.31 -2.52
CA LYS B 203 50.12 3.29 -3.87
C LYS B 203 48.75 2.67 -3.84
N LYS B 204 48.55 1.56 -3.12
CA LYS B 204 47.22 0.93 -3.12
C LYS B 204 46.16 1.87 -2.50
N LEU B 205 46.49 2.50 -1.37
CA LEU B 205 45.48 3.37 -0.72
C LEU B 205 45.19 4.56 -1.62
N LYS B 206 46.27 5.15 -2.16
CA LYS B 206 46.12 6.40 -2.98
C LYS B 206 45.19 6.14 -4.18
N LYS B 207 45.38 4.95 -4.76
CA LYS B 207 44.57 4.55 -5.92
C LYS B 207 43.14 4.10 -5.54
N PHE B 208 42.92 3.58 -4.35
CA PHE B 208 41.61 3.04 -4.00
C PHE B 208 40.65 4.05 -3.34
N TYR B 209 41.16 4.95 -2.50
CA TYR B 209 40.31 5.84 -1.67
C TYR B 209 40.43 7.33 -1.97
N ARG B 210 39.30 8.00 -2.09
CA ARG B 210 39.23 9.45 -2.13
C ARG B 210 39.23 10.03 -0.69
N VAL B 211 40.20 10.88 -0.34
CA VAL B 211 40.19 11.45 1.01
C VAL B 211 39.26 12.66 1.01
N LEU B 212 38.26 12.65 1.89
CA LEU B 212 37.29 13.74 1.99
C LEU B 212 37.55 14.79 3.06
N SER B 213 38.15 14.40 4.17
CA SER B 213 38.52 15.34 5.24
C SER B 213 39.79 14.84 5.89
N THR B 214 40.52 15.76 6.50
CA THR B 214 41.68 15.46 7.29
C THR B 214 41.51 16.16 8.63
N ASN B 215 42.41 15.90 9.57
CA ASN B 215 42.40 16.70 10.80
C ASN B 215 43.83 16.75 11.31
N THR B 216 44.11 17.60 12.28
CA THR B 216 45.42 17.52 12.91
C THR B 216 45.33 17.35 14.46
N ASP B 217 46.33 16.71 15.05
CA ASP B 217 46.39 16.66 16.53
C ASP B 217 47.36 17.76 17.01
N GLY B 218 47.78 18.64 16.11
CA GLY B 218 48.67 19.71 16.48
C GLY B 218 50.04 19.42 15.90
N TYR B 219 50.31 18.13 15.62
CA TYR B 219 51.62 17.70 15.12
C TYR B 219 51.52 16.89 13.84
N ASN B 220 50.48 16.07 13.74
CA ASN B 220 50.29 15.16 12.61
C ASN B 220 48.96 15.41 11.90
N LYS B 221 48.98 15.42 10.59
CA LYS B 221 47.77 15.61 9.81
C LYS B 221 47.42 14.20 9.34
N PHE B 222 46.18 13.83 9.59
CA PHE B 222 45.69 12.48 9.34
C PHE B 222 44.38 12.48 8.59
N VAL B 223 44.07 11.37 7.96
CA VAL B 223 42.80 11.25 7.24
C VAL B 223 41.68 11.00 8.22
N SER B 224 40.62 11.80 8.15
CA SER B 224 39.48 11.59 9.01
C SER B 224 38.23 11.02 8.31
N THR B 225 38.04 11.29 7.02
CA THR B 225 36.88 10.73 6.30
C THR B 225 37.31 10.33 4.91
N MET B 226 36.88 9.17 4.43
CA MET B 226 37.22 8.76 3.06
C MET B 226 36.13 7.93 2.47
N GLU B 227 36.13 7.83 1.12
CA GLU B 227 35.25 6.92 0.38
C GLU B 227 36.02 6.32 -0.82
N ALA B 228 35.70 5.07 -1.16
CA ALA B 228 36.38 4.42 -2.27
C ALA B 228 35.93 5.02 -3.61
N TYR B 229 36.89 5.26 -4.53
CA TYR B 229 36.54 5.77 -5.88
C TYR B 229 35.52 4.89 -6.60
N ASP B 230 35.73 3.59 -6.55
CA ASP B 230 35.02 2.65 -7.45
C ASP B 230 34.11 1.67 -6.75
N PHE B 231 34.00 1.85 -5.44
CA PHE B 231 33.14 0.98 -4.59
C PHE B 231 32.37 1.80 -3.55
N PRO B 232 31.18 1.33 -3.16
CA PRO B 232 30.47 2.01 -2.03
C PRO B 232 31.06 1.58 -0.64
N ILE B 233 32.31 1.99 -0.35
CA ILE B 233 32.98 1.71 0.91
C ILE B 233 33.30 3.12 1.44
N TYR B 234 32.85 3.38 2.67
CA TYR B 234 32.92 4.70 3.33
C TYR B 234 33.50 4.51 4.68
N ALA B 235 34.39 5.41 5.09
CA ALA B 235 34.96 5.23 6.40
C ALA B 235 35.27 6.56 7.08
N THR B 236 35.03 6.58 8.40
CA THR B 236 35.39 7.74 9.22
C THR B 236 36.30 7.30 10.38
N GLN B 237 37.33 8.10 10.63
CA GLN B 237 38.23 7.83 11.74
C GLN B 237 37.52 8.18 13.05
N TRP B 238 36.55 9.09 12.95
CA TRP B 238 35.75 9.62 14.05
C TRP B 238 34.42 8.85 14.21
N HIS B 239 33.66 9.12 15.28
CA HIS B 239 32.46 8.30 15.60
C HIS B 239 31.14 9.05 15.37
N PRO B 240 30.57 8.97 14.16
CA PRO B 240 29.34 9.76 13.96
C PRO B 240 28.19 9.31 14.88
N GLU B 241 28.14 8.02 15.29
CA GLU B 241 27.02 7.54 16.15
C GLU B 241 27.02 8.13 17.57
N LYS B 242 28.16 8.69 18.03
CA LYS B 242 28.19 9.10 19.44
C LYS B 242 27.33 10.33 19.75
N ASN B 243 27.21 11.25 18.78
CA ASN B 243 26.63 12.54 19.14
C ASN B 243 25.21 12.48 19.69
N ALA B 244 24.39 11.64 19.07
CA ALA B 244 23.03 11.58 19.50
C ALA B 244 22.81 10.51 20.59
N PHE B 245 23.66 9.51 20.64
CA PHE B 245 23.37 8.35 21.50
C PHE B 245 24.25 8.01 22.65
N GLU B 246 25.40 8.67 22.76
CA GLU B 246 26.33 8.36 23.85
C GLU B 246 26.54 9.58 24.76
N TRP B 247 26.38 9.36 26.06
CA TRP B 247 26.36 10.49 27.01
C TRP B 247 27.39 10.38 28.15
N THR B 248 28.40 9.54 27.93
CA THR B 248 29.33 9.12 28.98
C THR B 248 30.58 9.97 29.11
N ARG B 249 30.83 10.89 28.18
CA ARG B 249 32.09 11.63 28.25
C ARG B 249 31.81 13.05 27.87
N PRO B 250 32.45 14.01 28.56
CA PRO B 250 32.04 15.42 28.39
C PRO B 250 32.48 16.02 27.06
N TYR B 251 33.30 15.31 26.30
CA TYR B 251 33.81 15.82 25.03
C TYR B 251 32.85 15.47 23.87
N ILE B 252 31.91 14.53 24.08
CA ILE B 252 31.06 14.06 22.98
C ILE B 252 30.16 15.21 22.52
N PRO B 253 30.22 15.60 21.25
CA PRO B 253 29.44 16.79 20.83
C PRO B 253 27.94 16.49 20.85
N HIS B 254 27.16 17.41 21.37
CA HIS B 254 25.72 17.24 21.50
C HIS B 254 24.96 18.49 21.09
N THR B 255 25.63 19.43 20.38
CA THR B 255 24.89 20.60 19.94
C THR B 255 23.87 20.22 18.87
N PRO B 256 22.92 21.13 18.57
CA PRO B 256 21.96 20.73 17.53
C PRO B 256 22.60 20.35 16.20
N SER B 257 23.64 21.07 15.72
CA SER B 257 24.19 20.62 14.48
C SER B 257 25.03 19.30 14.62
N ALA B 258 25.56 18.98 15.79
CA ALA B 258 26.19 17.66 16.02
C ALA B 258 25.12 16.56 15.86
N ILE B 259 23.90 16.83 16.29
CA ILE B 259 22.79 15.82 16.19
C ILE B 259 22.41 15.59 14.76
N LYS B 260 22.39 16.70 13.98
CA LYS B 260 22.10 16.59 12.54
C LYS B 260 23.20 15.86 11.79
N THR B 261 24.45 16.03 12.21
CA THR B 261 25.54 15.31 11.61
C THR B 261 25.30 13.85 11.80
N THR B 262 24.95 13.43 12.99
CA THR B 262 24.76 11.99 13.08
C THR B 262 23.63 11.45 12.16
N PHE B 263 22.54 12.18 12.06
CA PHE B 263 21.46 11.73 11.17
C PHE B 263 21.85 11.73 9.68
N TYR B 264 22.48 12.83 9.18
CA TYR B 264 22.86 12.89 7.76
C TYR B 264 23.91 11.88 7.37
N MET B 265 24.82 11.58 8.28
CA MET B 265 25.77 10.50 8.03
C MET B 265 25.04 9.16 7.87
N ALA B 266 24.15 8.84 8.82
CA ALA B 266 23.43 7.55 8.74
C ALA B 266 22.49 7.49 7.52
N ASN B 267 21.80 8.60 7.30
CA ASN B 267 20.85 8.69 6.17
C ASN B 267 21.56 8.38 4.86
N PHE B 268 22.78 8.91 4.66
CA PHE B 268 23.53 8.59 3.45
C PHE B 268 23.79 7.07 3.37
N PHE B 269 24.30 6.50 4.44
CA PHE B 269 24.68 5.10 4.34
C PHE B 269 23.45 4.23 4.09
N VAL B 270 22.37 4.45 4.82
CA VAL B 270 21.17 3.58 4.64
C VAL B 270 20.55 3.79 3.21
N ASN B 271 20.55 5.04 2.70
CA ASN B 271 20.27 5.25 1.28
C ASN B 271 21.17 4.43 0.31
N GLU B 272 22.42 4.15 0.67
CA GLU B 272 23.25 3.24 -0.19
C GLU B 272 22.68 1.83 -0.07
N ALA B 273 22.30 1.44 1.14
CA ALA B 273 21.80 0.08 1.33
C ALA B 273 20.47 -0.18 0.60
N ARG B 274 19.67 0.88 0.41
CA ARG B 274 18.44 0.80 -0.38
C ARG B 274 18.68 0.49 -1.86
N LYS B 275 19.95 0.56 -2.31
CA LYS B 275 20.31 0.17 -3.67
C LYS B 275 20.57 -1.34 -3.78
N ASN B 276 20.58 -2.03 -2.66
CA ASN B 276 20.85 -3.46 -2.65
C ASN B 276 19.56 -4.23 -2.49
N LEU B 277 19.37 -5.27 -3.28
CA LEU B 277 18.10 -5.97 -3.28
C LEU B 277 18.07 -7.36 -2.67
N HIS B 278 19.12 -7.73 -1.92
CA HIS B 278 19.16 -8.99 -1.24
C HIS B 278 17.94 -9.08 -0.32
N SER B 279 17.45 -10.30 -0.06
CA SER B 279 16.45 -10.52 0.99
C SER B 279 16.74 -11.86 1.68
N PHE B 280 16.24 -12.07 2.91
CA PHE B 280 16.32 -13.37 3.53
C PHE B 280 15.48 -14.39 2.78
N ALA B 281 15.89 -15.66 2.83
CA ALA B 281 15.12 -16.74 2.20
C ALA B 281 13.70 -16.85 2.72
N SER B 282 13.49 -16.57 4.01
CA SER B 282 12.14 -16.56 4.58
C SER B 282 11.94 -15.48 5.67
N THR B 283 10.71 -15.03 5.92
CA THR B 283 10.50 -14.07 7.00
C THR B 283 10.83 -14.73 8.36
N GLU B 284 10.63 -16.04 8.52
CA GLU B 284 10.97 -16.65 9.82
C GLU B 284 12.46 -16.55 10.09
N GLU B 285 13.26 -16.74 9.04
CA GLU B 285 14.70 -16.64 9.13
C GLU B 285 15.13 -15.16 9.36
N GLU B 286 14.47 -14.26 8.66
CA GLU B 286 14.71 -12.85 8.93
C GLU B 286 14.47 -12.49 10.40
N GLU B 287 13.26 -12.79 10.88
CA GLU B 287 12.86 -12.57 12.26
C GLU B 287 13.83 -13.09 13.31
N LYS B 288 14.42 -14.27 13.07
CA LYS B 288 15.40 -14.84 14.03
C LYS B 288 16.78 -14.14 14.03
N ALA B 289 17.14 -13.53 12.91
CA ALA B 289 18.42 -12.85 12.81
C ALA B 289 18.40 -11.42 13.37
N LEU B 290 17.24 -10.79 13.45
CA LEU B 290 17.22 -9.35 13.78
C LEU B 290 17.75 -9.05 15.19
N ILE B 291 18.33 -7.84 15.31
CA ILE B 291 18.81 -7.41 16.64
C ILE B 291 17.73 -7.41 17.75
N TYR B 292 16.47 -7.24 17.36
CA TYR B 292 15.33 -7.34 18.30
C TYR B 292 15.33 -8.57 19.25
N ASN B 293 15.93 -9.65 18.78
CA ASN B 293 16.04 -10.88 19.59
C ASN B 293 16.99 -10.77 20.72
N TYR B 294 17.72 -9.66 20.81
CA TYR B 294 18.74 -9.51 21.86
C TYR B 294 18.45 -8.31 22.75
N LYS B 295 18.86 -8.40 24.02
CA LYS B 295 18.58 -7.34 24.95
C LYS B 295 19.91 -6.77 25.43
N PRO B 296 20.10 -5.43 25.32
CA PRO B 296 21.41 -4.88 25.73
C PRO B 296 21.50 -4.71 27.28
N GLU B 297 22.69 -4.55 27.82
CA GLU B 297 22.96 -4.33 29.25
C GLU B 297 23.26 -2.88 29.42
N TYR B 298 22.89 -2.33 30.59
CA TYR B 298 23.20 -0.93 30.95
C TYR B 298 24.66 -0.87 31.39
N THR B 299 25.51 -0.26 30.58
CA THR B 299 26.94 -0.23 30.88
C THR B 299 27.44 1.18 31.09
N GLY B 300 26.53 2.16 31.12
CA GLY B 300 26.92 3.57 31.07
C GLY B 300 27.48 4.17 32.35
N ILE B 301 27.19 3.55 33.50
CA ILE B 301 27.76 4.04 34.76
C ILE B 301 29.25 3.95 34.75
N GLN B 302 29.74 2.86 34.15
CA GLN B 302 31.18 2.60 34.19
C GLN B 302 31.94 2.67 32.86
N SER B 303 31.35 2.25 31.73
CA SER B 303 32.12 2.03 30.45
C SER B 303 31.87 3.21 29.46
N ALA B 304 32.52 3.23 28.29
CA ALA B 304 32.29 4.29 27.26
C ALA B 304 30.87 4.32 26.63
N PHE B 305 30.19 3.22 26.78
CA PHE B 305 28.88 2.97 26.10
C PHE B 305 27.75 2.96 27.09
N GLU B 306 26.67 3.72 26.82
CA GLU B 306 25.48 3.63 27.71
C GLU B 306 24.90 2.21 27.76
N GLN B 307 24.83 1.53 26.61
CA GLN B 307 24.23 0.17 26.56
C GLN B 307 25.07 -0.67 25.67
N THR B 308 25.17 -1.95 26.02
CA THR B 308 25.95 -2.85 25.16
C THR B 308 25.26 -4.16 24.98
N TYR B 309 25.23 -4.66 23.75
CA TYR B 309 24.72 -6.00 23.50
C TYR B 309 25.90 -6.97 23.67
N PHE B 310 25.72 -7.98 24.54
CA PHE B 310 26.71 -9.06 24.65
C PHE B 310 26.12 -10.34 24.04
N PHE B 311 26.98 -11.10 23.36
CA PHE B 311 26.55 -12.30 22.66
C PHE B 311 27.38 -13.50 23.12
N ASN B 312 26.75 -14.68 23.12
CA ASN B 312 27.49 -15.95 23.18
C ASN B 312 28.15 -16.18 21.85
N LYS C 26 8.60 -6.94 -16.33
CA LYS C 26 8.08 -5.54 -16.18
C LYS C 26 6.69 -5.36 -16.84
N THR C 27 5.68 -4.94 -16.08
CA THR C 27 4.29 -5.01 -16.54
C THR C 27 3.61 -3.74 -16.13
N ASN C 28 2.52 -3.40 -16.81
CA ASN C 28 1.76 -2.25 -16.44
C ASN C 28 0.49 -2.79 -15.76
N GLU C 29 0.37 -2.64 -14.44
CA GLU C 29 -0.89 -3.08 -13.77
C GLU C 29 -1.99 -2.02 -13.71
N ARG C 30 -1.81 -0.92 -14.44
CA ARG C 30 -2.92 0.04 -14.62
C ARG C 30 -3.25 0.23 -16.14
N PRO C 31 -3.53 -0.86 -16.90
CA PRO C 31 -3.73 -0.67 -18.35
C PRO C 31 -5.00 0.08 -18.68
N ILE C 32 -4.90 0.93 -19.70
CA ILE C 32 -6.02 1.70 -20.21
C ILE C 32 -6.12 1.43 -21.71
N ILE C 33 -7.30 1.04 -22.20
CA ILE C 33 -7.42 0.65 -23.58
C ILE C 33 -8.44 1.53 -24.28
N GLY C 34 -8.13 1.96 -25.51
CA GLY C 34 -9.07 2.78 -26.27
C GLY C 34 -10.15 1.93 -26.96
N VAL C 35 -11.38 2.43 -27.02
CA VAL C 35 -12.43 1.78 -27.82
C VAL C 35 -12.86 2.83 -28.84
N LEU C 36 -12.82 2.47 -30.13
CA LEU C 36 -13.19 3.41 -31.18
C LEU C 36 -14.67 3.58 -31.26
N ALA C 37 -15.08 4.84 -31.22
CA ALA C 37 -16.45 5.27 -31.52
C ALA C 37 -16.67 5.20 -33.04
N GLN C 38 -17.93 5.15 -33.47
CA GLN C 38 -18.21 5.11 -34.88
C GLN C 38 -19.44 5.96 -35.23
N ASP C 39 -19.46 6.40 -36.50
CA ASP C 39 -20.45 7.36 -37.02
C ASP C 39 -21.90 6.89 -36.77
N VAL C 40 -22.68 7.81 -36.20
CA VAL C 40 -24.15 7.66 -36.07
C VAL C 40 -24.72 7.98 -37.44
N PHE C 41 -25.71 7.22 -37.86
CA PHE C 41 -26.27 7.38 -39.21
C PHE C 41 -27.10 8.62 -39.50
N ASP C 42 -27.86 9.06 -38.54
CA ASP C 42 -28.62 10.27 -38.74
C ASP C 42 -28.05 11.20 -37.65
N PRO C 43 -26.87 11.77 -37.93
CA PRO C 43 -26.13 12.39 -36.83
C PRO C 43 -26.70 13.75 -36.41
N LYS C 44 -26.57 14.06 -35.12
CA LYS C 44 -27.02 15.34 -34.55
C LYS C 44 -26.00 15.74 -33.47
N PRO C 45 -25.98 17.04 -33.05
CA PRO C 45 -25.10 17.49 -31.96
C PRO C 45 -25.29 16.59 -30.74
N ASP C 46 -24.19 16.26 -30.09
CA ASP C 46 -24.18 15.31 -28.97
C ASP C 46 -24.58 13.90 -29.36
N ARG C 47 -24.72 13.67 -30.66
CA ARG C 47 -25.00 12.35 -31.17
C ARG C 47 -24.39 12.13 -32.57
N ASN C 48 -23.09 12.44 -32.69
CA ASN C 48 -22.33 12.22 -33.95
C ASN C 48 -21.66 10.84 -34.05
N SER C 49 -21.37 10.24 -32.89
CA SER C 49 -20.77 8.90 -32.89
C SER C 49 -21.30 8.16 -31.63
N TYR C 50 -21.02 6.88 -31.57
CA TYR C 50 -21.47 6.05 -30.43
C TYR C 50 -20.46 4.92 -30.16
N ILE C 51 -20.48 4.43 -28.90
CA ILE C 51 -19.90 3.13 -28.50
C ILE C 51 -20.98 2.34 -27.69
N ALA C 52 -21.29 1.09 -28.07
CA ALA C 52 -22.19 0.23 -27.23
C ALA C 52 -21.47 -0.06 -25.93
N ALA C 53 -22.15 0.11 -24.81
CA ALA C 53 -21.53 -0.08 -23.49
C ALA C 53 -20.98 -1.48 -23.27
N SER C 54 -21.53 -2.49 -23.93
CA SER C 54 -20.95 -3.83 -23.81
C SER C 54 -19.46 -3.93 -24.14
N TYR C 55 -18.93 -3.13 -25.08
CA TYR C 55 -17.48 -3.14 -25.29
C TYR C 55 -16.68 -2.58 -24.12
N VAL C 56 -17.25 -1.59 -23.43
CA VAL C 56 -16.57 -0.93 -22.29
C VAL C 56 -16.55 -1.97 -21.13
N LYS C 57 -17.69 -2.63 -20.96
CA LYS C 57 -17.86 -3.58 -19.89
C LYS C 57 -16.97 -4.76 -20.08
N PHE C 58 -16.89 -5.25 -21.31
CA PHE C 58 -15.97 -6.36 -21.68
C PHE C 58 -14.55 -6.14 -21.14
N LEU C 59 -14.04 -4.93 -21.41
CA LEU C 59 -12.67 -4.60 -21.02
C LEU C 59 -12.51 -4.32 -19.53
N GLU C 60 -13.46 -3.61 -18.89
CA GLU C 60 -13.30 -3.26 -17.46
C GLU C 60 -13.32 -4.54 -16.63
N SER C 61 -14.11 -5.50 -17.06
CA SER C 61 -14.24 -6.74 -16.31
C SER C 61 -12.91 -7.53 -16.26
N ALA C 62 -12.04 -7.34 -17.26
CA ALA C 62 -10.75 -8.00 -17.23
C ALA C 62 -9.64 -7.09 -16.60
N GLY C 63 -10.07 -6.04 -15.91
CA GLY C 63 -9.15 -5.23 -15.14
C GLY C 63 -8.46 -4.18 -16.02
N ALA C 64 -9.18 -3.64 -17.02
CA ALA C 64 -8.65 -2.44 -17.71
C ALA C 64 -9.59 -1.23 -17.44
N ARG C 65 -9.09 -0.02 -17.62
CA ARG C 65 -9.92 1.16 -17.77
C ARG C 65 -10.04 1.48 -19.24
N VAL C 66 -11.04 2.30 -19.64
CA VAL C 66 -11.34 2.47 -21.05
C VAL C 66 -11.35 3.97 -21.36
N VAL C 67 -10.80 4.31 -22.54
CA VAL C 67 -10.94 5.63 -23.11
C VAL C 67 -11.71 5.50 -24.42
N PRO C 68 -12.78 6.30 -24.62
CA PRO C 68 -13.42 6.31 -25.94
C PRO C 68 -12.56 7.07 -26.94
N VAL C 69 -12.36 6.50 -28.12
CA VAL C 69 -11.56 7.14 -29.18
C VAL C 69 -12.56 7.84 -30.14
N MET C 70 -12.55 9.18 -30.12
CA MET C 70 -13.49 9.96 -30.92
C MET C 70 -13.16 9.85 -32.40
N ILE C 71 -14.18 10.06 -33.19
CA ILE C 71 -14.07 10.02 -34.58
C ILE C 71 -13.55 11.23 -35.38
N ASN C 72 -13.74 12.45 -35.03
CA ASN C 72 -13.24 13.18 -36.31
C ASN C 72 -12.00 13.99 -36.08
N LYS C 73 -11.06 13.36 -35.38
CA LYS C 73 -9.91 14.06 -34.79
C LYS C 73 -8.72 14.16 -35.73
N SER C 74 -7.71 14.95 -35.38
CA SER C 74 -6.54 15.08 -36.26
C SER C 74 -5.53 13.95 -36.03
N GLU C 75 -4.67 13.72 -37.02
CA GLU C 75 -3.54 12.81 -36.85
C GLU C 75 -2.69 13.09 -35.57
N ASP C 76 -2.48 14.35 -35.18
CA ASP C 76 -1.63 14.63 -34.01
C ASP C 76 -2.37 14.24 -32.73
N GLU C 77 -3.66 14.51 -32.73
CA GLU C 77 -4.46 14.16 -31.61
C GLU C 77 -4.47 12.61 -31.48
N TYR C 78 -4.62 11.87 -32.56
CA TYR C 78 -4.58 10.40 -32.43
C TYR C 78 -3.21 9.91 -31.96
N SER C 79 -2.13 10.51 -32.51
CA SER C 79 -0.77 10.21 -32.01
C SER C 79 -0.64 10.40 -30.54
N ARG C 80 -1.18 11.50 -30.00
CA ARG C 80 -1.00 11.82 -28.58
C ARG C 80 -1.72 10.77 -27.72
N LEU C 81 -2.92 10.43 -28.15
CA LEU C 81 -3.71 9.42 -27.44
C LEU C 81 -3.03 8.06 -27.54
N PHE C 82 -2.73 7.63 -28.76
CA PHE C 82 -2.04 6.36 -29.01
C PHE C 82 -0.84 6.21 -28.05
N LYS C 83 -0.04 7.28 -27.91
CA LYS C 83 1.13 7.20 -27.02
C LYS C 83 0.84 7.21 -25.55
N SER C 84 -0.40 7.41 -25.20
CA SER C 84 -0.77 7.47 -23.82
C SER C 84 -1.50 6.17 -23.39
N ILE C 85 -2.10 5.46 -24.33
CA ILE C 85 -2.95 4.28 -23.96
C ILE C 85 -2.20 2.98 -24.29
N ASN C 86 -2.76 1.83 -23.91
CA ASN C 86 -1.99 0.59 -23.83
C ASN C 86 -2.54 -0.47 -24.76
N GLY C 87 -3.59 -0.15 -25.51
CA GLY C 87 -4.12 -1.04 -26.54
C GLY C 87 -5.32 -0.38 -27.18
N VAL C 88 -5.90 -0.98 -28.22
CA VAL C 88 -7.11 -0.41 -28.80
C VAL C 88 -7.95 -1.53 -29.31
N LEU C 89 -9.26 -1.31 -29.21
CA LEU C 89 -10.23 -2.27 -29.74
C LEU C 89 -11.09 -1.56 -30.82
N PHE C 90 -11.27 -2.22 -31.98
CA PHE C 90 -12.19 -1.81 -33.05
C PHE C 90 -13.50 -2.65 -32.92
N PRO C 91 -14.59 -2.02 -32.46
CA PRO C 91 -15.84 -2.75 -32.21
C PRO C 91 -16.62 -3.07 -33.46
N GLY C 92 -17.72 -3.82 -33.27
CA GLY C 92 -18.61 -4.16 -34.37
C GLY C 92 -19.50 -2.95 -34.64
N GLY C 93 -20.38 -3.09 -35.62
CA GLY C 93 -21.28 -2.01 -35.98
C GLY C 93 -21.59 -2.06 -37.44
N GLY C 94 -22.11 -0.95 -37.97
CA GLY C 94 -22.65 -1.05 -39.33
C GLY C 94 -22.15 0.03 -40.28
N VAL C 95 -21.08 0.70 -39.91
CA VAL C 95 -20.56 1.85 -40.66
C VAL C 95 -19.71 1.38 -41.84
N SER C 96 -19.49 2.24 -42.84
CA SER C 96 -18.66 1.83 -44.02
C SER C 96 -17.21 1.40 -43.63
N LEU C 97 -16.67 0.37 -44.28
CA LEU C 97 -15.30 -0.08 -44.03
C LEU C 97 -14.29 0.82 -44.75
N GLU C 98 -14.80 1.73 -45.60
CA GLU C 98 -13.97 2.56 -46.46
C GLU C 98 -14.12 4.07 -46.30
N SER C 99 -15.33 4.56 -46.06
CA SER C 99 -15.44 6.02 -45.98
C SER C 99 -15.91 6.65 -44.67
N SER C 100 -15.90 5.91 -43.56
CA SER C 100 -16.42 6.45 -42.28
C SER C 100 -15.32 7.10 -41.46
N GLY C 101 -15.73 7.93 -40.51
CA GLY C 101 -14.77 8.40 -39.54
C GLY C 101 -14.13 7.23 -38.75
N TYR C 102 -14.93 6.21 -38.51
CA TYR C 102 -14.44 5.01 -37.85
C TYR C 102 -13.29 4.34 -38.65
N SER C 103 -13.50 4.11 -39.94
CA SER C 103 -12.52 3.35 -40.70
C SER C 103 -11.26 4.20 -40.83
N LYS C 104 -11.40 5.53 -40.85
CA LYS C 104 -10.20 6.38 -40.91
C LYS C 104 -9.40 6.39 -39.63
N ALA C 105 -10.08 6.56 -38.49
CA ALA C 105 -9.40 6.49 -37.22
C ALA C 105 -8.77 5.12 -37.05
N ALA C 106 -9.47 4.06 -37.46
CA ALA C 106 -8.90 2.70 -37.33
C ALA C 106 -7.61 2.53 -38.14
N GLY C 107 -7.56 3.11 -39.34
CA GLY C 107 -6.41 3.05 -40.21
C GLY C 107 -5.23 3.71 -39.57
N ILE C 108 -5.46 4.84 -38.92
CA ILE C 108 -4.40 5.60 -38.23
C ILE C 108 -3.85 4.80 -37.05
N PHE C 109 -4.74 4.26 -36.22
CA PHE C 109 -4.28 3.37 -35.14
C PHE C 109 -3.57 2.13 -35.58
N TYR C 110 -4.00 1.52 -36.67
CA TYR C 110 -3.37 0.31 -37.22
C TYR C 110 -1.94 0.63 -37.68
N ARG C 111 -1.78 1.76 -38.37
CA ARG C 111 -0.46 2.17 -38.86
C ARG C 111 0.47 2.54 -37.71
N LEU C 112 -0.04 3.24 -36.70
CA LEU C 112 0.76 3.52 -35.53
C LEU C 112 1.13 2.26 -34.76
N ALA C 113 0.24 1.28 -34.76
CA ALA C 113 0.51 0.05 -33.99
C ALA C 113 1.56 -0.79 -34.70
N LEU C 114 1.47 -0.92 -36.03
CA LEU C 114 2.51 -1.60 -36.84
C LEU C 114 3.86 -0.89 -36.67
N GLU C 115 3.83 0.44 -36.60
CA GLU C 115 5.11 1.14 -36.38
C GLU C 115 5.73 0.80 -35.02
N ALA C 116 4.93 0.95 -33.98
CA ALA C 116 5.38 0.71 -32.63
C ALA C 116 5.86 -0.74 -32.43
N ASN C 117 5.06 -1.72 -32.89
CA ASN C 117 5.49 -3.12 -32.73
C ASN C 117 6.78 -3.38 -33.49
N SER C 118 6.88 -2.86 -34.73
CA SER C 118 8.09 -3.05 -35.56
C SER C 118 9.31 -2.44 -34.91
N ASN C 119 9.14 -1.33 -34.22
CA ASN C 119 10.29 -0.69 -33.56
C ASN C 119 10.72 -1.49 -32.29
N GLY C 120 9.87 -2.38 -31.79
CA GLY C 120 10.10 -3.07 -30.48
C GLY C 120 9.22 -2.62 -29.31
N ASP C 121 8.15 -1.88 -29.59
CA ASP C 121 7.23 -1.48 -28.53
C ASP C 121 5.90 -2.24 -28.66
N TYR C 122 5.62 -3.13 -27.71
CA TYR C 122 4.38 -3.91 -27.80
C TYR C 122 3.12 -3.04 -27.73
N PHE C 123 2.21 -3.23 -28.67
CA PHE C 123 0.91 -2.49 -28.68
C PHE C 123 -0.18 -3.34 -29.32
N PRO C 124 -1.08 -3.89 -28.48
CA PRO C 124 -2.09 -4.84 -28.99
C PRO C 124 -3.37 -4.15 -29.58
N VAL C 125 -3.95 -4.81 -30.57
CA VAL C 125 -5.11 -4.35 -31.30
C VAL C 125 -6.09 -5.50 -31.38
N TRP C 126 -7.33 -5.19 -31.03
CA TRP C 126 -8.41 -6.21 -31.09
C TRP C 126 -9.47 -5.74 -32.09
N GLY C 127 -9.84 -6.58 -33.07
CA GLY C 127 -11.02 -6.25 -33.89
C GLY C 127 -12.20 -7.21 -33.69
N THR C 128 -13.41 -6.66 -33.50
CA THR C 128 -14.60 -7.55 -33.35
C THR C 128 -15.56 -7.32 -34.48
N ALA C 129 -15.87 -8.38 -35.24
CA ALA C 129 -16.97 -8.35 -36.22
C ALA C 129 -16.65 -7.34 -37.34
N LEU C 130 -17.36 -6.23 -37.38
CA LEU C 130 -16.98 -5.13 -38.29
C LEU C 130 -15.46 -4.85 -38.17
N GLY C 131 -14.93 -4.84 -36.93
CA GLY C 131 -13.50 -4.55 -36.68
C GLY C 131 -12.58 -5.64 -37.25
N PHE C 132 -13.01 -6.91 -37.14
CA PHE C 132 -12.37 -8.02 -37.88
C PHE C 132 -12.41 -7.81 -39.41
N GLU C 133 -13.58 -7.49 -39.97
CA GLU C 133 -13.65 -7.20 -41.41
C GLU C 133 -12.72 -6.04 -41.80
N LEU C 134 -12.70 -4.99 -41.00
CA LEU C 134 -11.78 -3.88 -41.26
C LEU C 134 -10.32 -4.31 -41.32
N LEU C 135 -9.92 -5.16 -40.40
CA LEU C 135 -8.53 -5.67 -40.43
C LEU C 135 -8.18 -6.49 -41.70
N THR C 136 -9.11 -7.27 -42.23
CA THR C 136 -8.84 -7.97 -43.47
C THR C 136 -8.59 -6.98 -44.62
N LEU C 137 -9.29 -5.85 -44.58
CA LEU C 137 -9.12 -4.75 -45.56
C LEU C 137 -7.84 -3.96 -45.29
N LEU C 138 -7.57 -3.64 -44.03
CA LEU C 138 -6.34 -2.90 -43.68
C LEU C 138 -5.10 -3.69 -44.08
N THR C 139 -5.10 -4.98 -43.78
CA THR C 139 -3.88 -5.70 -44.18
C THR C 139 -3.78 -6.17 -45.63
N SER C 140 -4.89 -6.59 -46.24
CA SER C 140 -4.71 -7.05 -47.62
C SER C 140 -4.80 -5.90 -48.62
N GLY C 141 -5.34 -4.74 -48.23
CA GLY C 141 -5.66 -3.75 -49.24
C GLY C 141 -6.93 -4.04 -50.07
N GLU C 142 -7.67 -5.12 -49.81
CA GLU C 142 -8.81 -5.43 -50.68
C GLU C 142 -10.07 -5.84 -49.88
N LEU C 143 -11.25 -5.66 -50.48
CA LEU C 143 -12.47 -6.09 -49.81
C LEU C 143 -12.79 -7.50 -50.29
N LEU C 144 -12.76 -8.49 -49.42
CA LEU C 144 -12.82 -9.87 -49.84
C LEU C 144 -14.01 -10.62 -49.22
N LEU C 145 -15.00 -9.86 -48.79
CA LEU C 145 -16.10 -10.41 -48.01
C LEU C 145 -17.24 -10.98 -48.89
N SER C 146 -17.97 -11.97 -48.40
CA SER C 146 -19.08 -12.55 -49.16
C SER C 146 -20.20 -12.81 -48.17
N HIS C 147 -21.42 -12.87 -48.70
CA HIS C 147 -22.57 -12.86 -47.85
C HIS C 147 -22.66 -14.22 -47.15
N THR C 148 -23.00 -14.19 -45.88
CA THR C 148 -23.27 -15.48 -45.19
C THR C 148 -24.51 -15.35 -44.37
N ASN C 149 -25.11 -16.49 -44.08
CA ASN C 149 -26.43 -16.44 -43.41
C ASN C 149 -26.27 -16.54 -41.90
N THR C 150 -25.72 -15.47 -41.33
CA THR C 150 -25.19 -15.46 -39.97
C THR C 150 -25.48 -14.13 -39.29
N SER C 151 -26.56 -13.47 -39.70
CA SER C 151 -26.98 -12.21 -39.09
C SER C 151 -27.52 -12.29 -37.64
N GLY C 152 -27.79 -13.50 -37.11
CA GLY C 152 -28.16 -13.64 -35.74
C GLY C 152 -28.29 -15.10 -35.36
N ILE C 153 -27.20 -15.73 -34.92
CA ILE C 153 -27.14 -17.17 -34.58
C ILE C 153 -26.01 -17.34 -33.60
N ALA C 154 -26.17 -18.30 -32.69
CA ALA C 154 -25.15 -18.75 -31.76
C ALA C 154 -24.49 -19.99 -32.36
N LEU C 155 -23.16 -20.00 -32.44
CA LEU C 155 -22.34 -21.13 -32.98
C LEU C 155 -21.21 -21.55 -32.02
N PRO C 156 -20.79 -22.82 -32.10
CA PRO C 156 -19.53 -23.26 -31.54
C PRO C 156 -18.36 -22.69 -32.36
N LEU C 157 -17.13 -22.95 -31.95
CA LEU C 157 -15.99 -22.68 -32.79
C LEU C 157 -15.45 -23.98 -33.35
N ASP C 158 -15.23 -24.02 -34.67
CA ASP C 158 -14.54 -25.16 -35.29
C ASP C 158 -13.05 -24.83 -35.33
N PHE C 159 -12.29 -25.32 -34.37
CA PHE C 159 -10.88 -24.91 -34.18
C PHE C 159 -10.00 -25.49 -35.29
N THR C 160 -8.96 -24.77 -35.70
CA THR C 160 -8.02 -25.35 -36.70
C THR C 160 -6.96 -26.11 -35.93
N GLU C 161 -6.06 -26.79 -36.66
CA GLU C 161 -4.92 -27.52 -36.06
C GLU C 161 -4.07 -26.50 -35.35
N ASP C 162 -4.08 -25.27 -35.87
CA ASP C 162 -3.28 -24.18 -35.29
C ASP C 162 -3.73 -23.58 -33.97
N VAL C 163 -4.87 -24.01 -33.39
CA VAL C 163 -5.15 -23.50 -32.06
C VAL C 163 -4.16 -23.93 -31.02
N LYS C 164 -3.56 -25.09 -31.23
CA LYS C 164 -2.76 -25.75 -30.21
C LYS C 164 -1.59 -24.88 -29.75
N GLY C 165 -0.87 -24.27 -30.66
CA GLY C 165 0.17 -23.43 -30.13
C GLY C 165 -0.21 -21.96 -30.16
N SER C 166 -1.52 -21.63 -30.18
CA SER C 166 -1.94 -20.25 -30.43
C SER C 166 -1.58 -19.40 -29.23
N ARG C 167 -1.55 -18.09 -29.39
CA ARG C 167 -1.40 -17.19 -28.24
C ARG C 167 -2.77 -16.91 -27.53
N LEU C 168 -3.79 -16.59 -28.33
CA LEU C 168 -5.06 -16.13 -27.80
C LEU C 168 -5.64 -17.13 -26.76
N PHE C 169 -5.58 -18.43 -27.09
CA PHE C 169 -6.27 -19.39 -26.27
C PHE C 169 -5.29 -20.10 -25.32
N LYS C 170 -4.06 -19.61 -25.22
CA LYS C 170 -3.06 -20.34 -24.40
C LYS C 170 -3.50 -20.51 -22.94
N GLU C 171 -4.09 -19.49 -22.32
CA GLU C 171 -4.48 -19.61 -20.90
C GLU C 171 -5.95 -20.10 -20.67
N PHE C 172 -6.67 -20.51 -21.71
CA PHE C 172 -8.07 -20.95 -21.49
C PHE C 172 -8.09 -22.30 -20.78
N PRO C 173 -9.02 -22.51 -19.85
CA PRO C 173 -9.21 -23.84 -19.23
C PRO C 173 -9.45 -24.88 -20.30
N GLU C 174 -8.88 -26.07 -20.10
CA GLU C 174 -9.13 -27.19 -21.05
C GLU C 174 -10.62 -27.45 -21.25
N GLU C 175 -11.37 -27.52 -20.17
CA GLU C 175 -12.79 -27.78 -20.31
C GLU C 175 -13.55 -26.67 -21.08
N LEU C 176 -13.10 -25.41 -21.00
CA LEU C 176 -13.79 -24.32 -21.76
C LEU C 176 -13.52 -24.47 -23.28
N MET C 177 -12.29 -24.79 -23.64
CA MET C 177 -11.93 -25.05 -25.03
C MET C 177 -12.81 -26.21 -25.55
N LYS C 178 -13.01 -27.25 -24.73
CA LYS C 178 -13.95 -28.33 -25.16
C LYS C 178 -15.39 -27.85 -25.37
N SER C 179 -15.90 -27.04 -24.45
CA SER C 179 -17.24 -26.50 -24.60
C SER C 179 -17.36 -25.62 -25.81
N LEU C 180 -16.35 -24.79 -26.06
CA LEU C 180 -16.40 -23.89 -27.25
C LEU C 180 -16.50 -24.68 -28.55
N ALA C 181 -15.83 -25.84 -28.60
CA ALA C 181 -15.87 -26.74 -29.78
C ALA C 181 -17.25 -27.34 -30.02
N THR C 182 -18.02 -27.54 -28.96
CA THR C 182 -19.24 -28.41 -29.05
C THR C 182 -20.58 -27.74 -28.62
N GLU C 183 -20.51 -26.47 -28.19
CA GLU C 183 -21.72 -25.81 -27.64
C GLU C 183 -21.87 -24.46 -28.32
N PRO C 184 -23.11 -23.97 -28.47
CA PRO C 184 -23.23 -22.70 -29.22
C PRO C 184 -22.90 -21.50 -28.36
N LEU C 185 -21.64 -21.26 -28.11
CA LEU C 185 -21.26 -20.19 -27.19
C LEU C 185 -20.88 -18.83 -27.83
N THR C 186 -20.91 -18.74 -29.16
CA THR C 186 -20.36 -17.53 -29.79
C THR C 186 -21.46 -16.79 -30.57
N GLU C 187 -21.63 -15.50 -30.30
CA GLU C 187 -22.70 -14.77 -30.92
C GLU C 187 -22.25 -14.27 -32.28
N ASN C 188 -22.91 -14.73 -33.33
CA ASN C 188 -22.70 -14.22 -34.69
C ASN C 188 -23.86 -13.27 -35.04
N SER C 189 -23.49 -12.05 -35.43
CA SER C 189 -24.51 -11.19 -35.99
C SER C 189 -23.94 -10.41 -37.18
N HIS C 190 -23.54 -11.13 -38.22
CA HIS C 190 -22.85 -10.45 -39.37
C HIS C 190 -23.43 -11.08 -40.62
N GLN C 191 -23.55 -10.26 -41.66
CA GLN C 191 -24.12 -10.76 -42.91
C GLN C 191 -22.98 -10.95 -43.89
N TRP C 192 -21.77 -10.50 -43.52
CA TRP C 192 -20.58 -10.71 -44.32
C TRP C 192 -19.55 -11.51 -43.56
N SER C 193 -18.72 -12.25 -44.28
CA SER C 193 -17.59 -13.02 -43.72
C SER C 193 -16.47 -13.11 -44.80
N ILE C 194 -15.26 -13.60 -44.45
CA ILE C 194 -14.30 -13.93 -45.51
C ILE C 194 -14.28 -15.43 -45.45
N THR C 195 -14.53 -16.06 -46.58
CA THR C 195 -14.49 -17.52 -46.61
C THR C 195 -13.07 -18.00 -46.46
N THR C 196 -12.91 -19.21 -45.92
CA THR C 196 -11.55 -19.76 -45.80
C THR C 196 -10.83 -19.89 -47.17
N GLU C 197 -11.60 -20.16 -48.21
CA GLU C 197 -11.06 -20.23 -49.55
C GLU C 197 -10.55 -18.85 -50.03
N ASN C 198 -11.30 -17.76 -49.83
CA ASN C 198 -10.83 -16.41 -50.22
C ASN C 198 -9.69 -15.92 -49.33
N PHE C 199 -9.72 -16.34 -48.06
CA PHE C 199 -8.62 -16.05 -47.12
C PHE C 199 -7.31 -16.62 -47.64
N THR C 200 -7.33 -17.93 -47.85
CA THR C 200 -6.19 -18.67 -48.28
C THR C 200 -5.63 -18.21 -49.64
N ALA C 201 -6.49 -17.74 -50.54
CA ALA C 201 -6.08 -17.30 -51.85
C ALA C 201 -5.49 -15.90 -51.84
N ASN C 202 -5.62 -15.19 -50.72
CA ASN C 202 -5.01 -13.87 -50.65
C ASN C 202 -3.63 -14.02 -50.04
N LYS C 203 -2.60 -13.72 -50.81
CA LYS C 203 -1.22 -13.93 -50.32
C LYS C 203 -0.94 -13.11 -49.08
N LYS C 204 -1.37 -11.86 -49.05
CA LYS C 204 -1.13 -11.02 -47.91
C LYS C 204 -1.77 -11.51 -46.62
N LEU C 205 -3.04 -11.84 -46.68
CA LEU C 205 -3.72 -12.39 -45.49
C LEU C 205 -3.11 -13.70 -44.99
N LYS C 206 -2.88 -14.67 -45.88
CA LYS C 206 -2.30 -15.99 -45.52
C LYS C 206 -0.95 -15.87 -44.87
N LYS C 207 -0.15 -14.91 -45.33
CA LYS C 207 1.10 -14.74 -44.61
C LYS C 207 1.04 -13.88 -43.32
N PHE C 208 0.04 -13.01 -43.16
CA PHE C 208 0.04 -12.15 -42.00
C PHE C 208 -0.73 -12.78 -40.80
N TYR C 209 -1.80 -13.55 -41.08
CA TYR C 209 -2.69 -14.13 -40.05
C TYR C 209 -2.79 -15.64 -39.98
N ARG C 210 -2.85 -16.14 -38.75
CA ARG C 210 -2.99 -17.54 -38.43
C ARG C 210 -4.45 -17.65 -38.07
N VAL C 211 -5.14 -18.56 -38.74
CA VAL C 211 -6.55 -18.80 -38.51
C VAL C 211 -6.65 -19.81 -37.35
N LEU C 212 -7.42 -19.44 -36.34
CA LEU C 212 -7.60 -20.20 -35.12
C LEU C 212 -8.92 -21.00 -35.14
N SER C 213 -9.94 -20.47 -35.80
CA SER C 213 -11.23 -21.19 -35.88
C SER C 213 -11.91 -20.76 -37.14
N THR C 214 -12.78 -21.64 -37.61
CA THR C 214 -13.64 -21.38 -38.75
C THR C 214 -15.05 -21.74 -38.32
N ASN C 215 -16.03 -21.40 -39.16
CA ASN C 215 -17.43 -21.78 -38.94
C ASN C 215 -18.06 -21.93 -40.31
N THR C 216 -19.25 -22.52 -40.36
CA THR C 216 -19.92 -22.58 -41.64
C THR C 216 -21.37 -22.12 -41.42
N ASP C 217 -21.96 -21.48 -42.43
CA ASP C 217 -23.36 -21.18 -42.40
C ASP C 217 -24.19 -22.29 -43.07
N GLY C 218 -23.56 -23.42 -43.38
CA GLY C 218 -24.24 -24.51 -44.08
C GLY C 218 -23.85 -24.56 -45.54
N TYR C 219 -23.19 -23.51 -46.05
CA TYR C 219 -22.75 -23.49 -47.45
C TYR C 219 -21.37 -22.91 -47.62
N ASN C 220 -21.02 -21.93 -46.79
CA ASN C 220 -19.75 -21.23 -46.83
C ASN C 220 -18.99 -21.46 -45.52
N LYS C 221 -17.74 -21.92 -45.57
CA LYS C 221 -16.91 -22.06 -44.40
C LYS C 221 -16.06 -20.80 -44.34
N PHE C 222 -16.14 -20.12 -43.21
CA PHE C 222 -15.53 -18.83 -43.03
C PHE C 222 -14.59 -18.73 -41.82
N VAL C 223 -13.69 -17.78 -41.89
CA VAL C 223 -12.83 -17.52 -40.71
C VAL C 223 -13.58 -16.84 -39.57
N SER C 224 -13.52 -17.41 -38.35
CA SER C 224 -14.23 -16.79 -37.23
C SER C 224 -13.27 -16.25 -36.20
N THR C 225 -12.04 -16.80 -36.11
CA THR C 225 -11.03 -16.24 -35.15
C THR C 225 -9.66 -16.27 -35.76
N MET C 226 -8.92 -15.17 -35.61
CA MET C 226 -7.55 -15.16 -36.08
C MET C 226 -6.63 -14.27 -35.23
N GLU C 227 -5.33 -14.53 -35.38
CA GLU C 227 -4.25 -13.72 -34.76
C GLU C 227 -3.10 -13.54 -35.75
N ALA C 228 -2.46 -12.35 -35.72
CA ALA C 228 -1.33 -12.09 -36.61
C ALA C 228 -0.13 -12.94 -36.13
N TYR C 229 0.65 -13.52 -37.07
CA TYR C 229 1.82 -14.31 -36.69
C TYR C 229 2.85 -13.44 -36.00
N ASP C 230 3.04 -12.20 -36.48
CA ASP C 230 4.19 -11.39 -36.07
C ASP C 230 3.85 -10.13 -35.30
N PHE C 231 2.58 -9.92 -34.99
CA PHE C 231 2.15 -8.75 -34.21
C PHE C 231 1.06 -9.19 -33.25
N PRO C 232 0.84 -8.43 -32.18
CA PRO C 232 -0.27 -8.68 -31.20
C PRO C 232 -1.59 -8.11 -31.72
N ILE C 233 -2.12 -8.69 -32.79
CA ILE C 233 -3.37 -8.26 -33.44
C ILE C 233 -4.23 -9.51 -33.45
N TYR C 234 -5.40 -9.41 -32.83
CA TYR C 234 -6.36 -10.46 -32.63
C TYR C 234 -7.72 -10.02 -33.17
N ALA C 235 -8.44 -10.95 -33.79
CA ALA C 235 -9.72 -10.60 -34.36
C ALA C 235 -10.72 -11.76 -34.29
N THR C 236 -11.93 -11.41 -33.92
CA THR C 236 -13.11 -12.31 -33.94
C THR C 236 -14.22 -11.81 -34.85
N GLN C 237 -14.72 -12.70 -35.69
CA GLN C 237 -15.86 -12.34 -36.54
C GLN C 237 -17.14 -12.25 -35.67
N TRP C 238 -17.10 -12.98 -34.55
CA TRP C 238 -18.18 -13.08 -33.59
C TRP C 238 -18.01 -12.07 -32.45
N HIS C 239 -18.99 -11.96 -31.58
CA HIS C 239 -19.00 -10.94 -30.54
C HIS C 239 -18.83 -11.51 -29.11
N PRO C 240 -17.56 -11.65 -28.62
CA PRO C 240 -17.35 -12.12 -27.24
C PRO C 240 -18.05 -11.27 -26.18
N GLU C 241 -18.12 -9.93 -26.37
CA GLU C 241 -18.72 -9.05 -25.33
C GLU C 241 -20.24 -9.26 -25.06
N LYS C 242 -20.96 -9.89 -25.98
CA LYS C 242 -22.42 -9.97 -25.86
C LYS C 242 -22.93 -10.95 -24.77
N ASN C 243 -22.21 -12.03 -24.57
CA ASN C 243 -22.76 -13.11 -23.68
C ASN C 243 -23.08 -12.69 -22.26
N ALA C 244 -22.22 -11.86 -21.66
CA ALA C 244 -22.41 -11.44 -20.29
C ALA C 244 -23.25 -10.14 -20.19
N PHE C 245 -23.25 -9.32 -21.23
CA PHE C 245 -23.71 -7.94 -21.09
C PHE C 245 -24.85 -7.51 -21.99
N GLU C 246 -25.21 -8.30 -22.99
CA GLU C 246 -26.35 -7.90 -23.87
C GLU C 246 -27.52 -8.92 -23.74
N TRP C 247 -28.76 -8.45 -23.60
CA TRP C 247 -29.92 -9.30 -23.22
C TRP C 247 -31.11 -8.99 -24.13
N THR C 248 -30.81 -8.47 -25.33
CA THR C 248 -31.85 -7.92 -26.25
C THR C 248 -32.33 -8.96 -27.29
N ARG C 249 -31.57 -10.03 -27.50
CA ARG C 249 -31.94 -10.97 -28.54
C ARG C 249 -31.87 -12.38 -28.02
N PRO C 250 -32.85 -13.23 -28.40
CA PRO C 250 -32.90 -14.56 -27.75
C PRO C 250 -31.82 -15.56 -28.20
N TYR C 251 -31.07 -15.25 -29.26
CA TYR C 251 -29.91 -16.07 -29.73
C TYR C 251 -28.64 -15.92 -28.88
N ILE C 252 -28.45 -14.74 -28.25
CA ILE C 252 -27.23 -14.42 -27.48
C ILE C 252 -26.97 -15.53 -26.41
N PRO C 253 -25.82 -16.22 -26.46
CA PRO C 253 -25.48 -17.28 -25.48
C PRO C 253 -25.33 -16.78 -24.05
N HIS C 254 -25.97 -17.42 -23.08
CA HIS C 254 -25.91 -16.91 -21.70
C HIS C 254 -25.74 -18.05 -20.71
N THR C 255 -25.32 -19.21 -21.20
CA THR C 255 -25.00 -20.37 -20.31
C THR C 255 -23.73 -20.08 -19.48
N PRO C 256 -23.51 -20.79 -18.32
CA PRO C 256 -22.27 -20.50 -17.54
C PRO C 256 -21.02 -20.47 -18.44
N SER C 257 -20.90 -21.43 -19.34
CA SER C 257 -19.69 -21.48 -20.08
C SER C 257 -19.57 -20.35 -21.16
N ALA C 258 -20.70 -19.88 -21.67
CA ALA C 258 -20.70 -18.69 -22.50
C ALA C 258 -20.20 -17.44 -21.72
N ILE C 259 -20.50 -17.39 -20.42
CA ILE C 259 -20.05 -16.27 -19.55
C ILE C 259 -18.58 -16.31 -19.32
N LYS C 260 -18.06 -17.52 -19.12
CA LYS C 260 -16.61 -17.73 -18.97
C LYS C 260 -15.87 -17.40 -20.26
N THR C 261 -16.49 -17.70 -21.40
CA THR C 261 -15.91 -17.33 -22.66
C THR C 261 -15.70 -15.82 -22.75
N THR C 262 -16.70 -15.05 -22.38
CA THR C 262 -16.44 -13.57 -22.44
C THR C 262 -15.34 -13.11 -21.50
N PHE C 263 -15.26 -13.71 -20.29
CA PHE C 263 -14.22 -13.30 -19.42
C PHE C 263 -12.81 -13.71 -19.95
N TYR C 264 -12.65 -14.93 -20.38
CA TYR C 264 -11.36 -15.40 -20.86
C TYR C 264 -10.81 -14.68 -22.13
N MET C 265 -11.71 -14.31 -23.01
CA MET C 265 -11.32 -13.56 -24.20
C MET C 265 -10.75 -12.18 -23.73
N ALA C 266 -11.51 -11.46 -22.91
CA ALA C 266 -11.14 -10.12 -22.47
C ALA C 266 -9.90 -10.26 -21.64
N ASN C 267 -9.86 -11.30 -20.79
CA ASN C 267 -8.66 -11.51 -19.98
C ASN C 267 -7.36 -11.63 -20.80
N PHE C 268 -7.42 -12.31 -21.94
CA PHE C 268 -6.28 -12.44 -22.76
C PHE C 268 -5.80 -11.06 -23.28
N PHE C 269 -6.75 -10.30 -23.78
CA PHE C 269 -6.42 -9.05 -24.48
C PHE C 269 -5.91 -8.06 -23.43
N VAL C 270 -6.55 -8.01 -22.26
CA VAL C 270 -6.05 -7.04 -21.27
C VAL C 270 -4.61 -7.39 -20.79
N ASN C 271 -4.34 -8.70 -20.63
CA ASN C 271 -3.01 -9.14 -20.35
C ASN C 271 -2.00 -8.76 -21.44
N GLU C 272 -2.44 -8.69 -22.68
CA GLU C 272 -1.61 -8.13 -23.78
C GLU C 272 -1.34 -6.68 -23.50
N ALA C 273 -2.38 -5.92 -23.07
CA ALA C 273 -2.21 -4.47 -22.84
C ALA C 273 -1.23 -4.17 -21.67
N ARG C 274 -1.19 -5.07 -20.68
CA ARG C 274 -0.24 -4.92 -19.58
C ARG C 274 1.23 -5.00 -20.01
N LYS C 275 1.51 -5.49 -21.23
CA LYS C 275 2.85 -5.50 -21.79
C LYS C 275 3.24 -4.12 -22.37
N ASN C 276 2.26 -3.25 -22.47
CA ASN C 276 2.51 -1.93 -22.98
C ASN C 276 2.72 -0.97 -21.86
N LEU C 277 3.80 -0.19 -21.95
CA LEU C 277 4.19 0.71 -20.89
C LEU C 277 3.88 2.19 -21.12
N HIS C 278 3.12 2.51 -22.15
CA HIS C 278 2.60 3.90 -22.30
C HIS C 278 1.91 4.47 -21.05
N SER C 279 2.05 5.78 -20.80
CA SER C 279 1.16 6.41 -19.80
C SER C 279 0.77 7.76 -20.30
N PHE C 280 -0.30 8.33 -19.72
CA PHE C 280 -0.70 9.69 -20.03
C PHE C 280 0.31 10.67 -19.41
N ALA C 281 0.35 11.88 -19.95
CA ALA C 281 1.30 12.92 -19.48
C ALA C 281 1.07 13.34 -18.04
N SER C 282 -0.18 13.27 -17.58
CA SER C 282 -0.48 13.71 -16.23
C SER C 282 -1.74 13.00 -15.85
N THR C 283 -1.98 12.90 -14.54
CA THR C 283 -3.18 12.24 -14.03
C THR C 283 -4.40 13.06 -14.44
N GLU C 284 -4.29 14.39 -14.44
CA GLU C 284 -5.43 15.26 -14.78
C GLU C 284 -5.88 14.97 -16.24
N GLU C 285 -4.92 14.85 -17.17
CA GLU C 285 -5.24 14.52 -18.55
C GLU C 285 -5.80 13.06 -18.61
N GLU C 286 -5.20 12.16 -17.85
CA GLU C 286 -5.74 10.79 -17.80
C GLU C 286 -7.23 10.83 -17.37
N GLU C 287 -7.47 11.40 -16.19
CA GLU C 287 -8.84 11.59 -15.67
C GLU C 287 -9.83 12.19 -16.64
N LYS C 288 -9.42 13.17 -17.46
CA LYS C 288 -10.37 13.78 -18.45
C LYS C 288 -10.66 12.88 -19.69
N ALA C 289 -9.84 11.88 -19.93
CA ALA C 289 -10.04 11.08 -21.14
C ALA C 289 -10.92 9.85 -20.89
N LEU C 290 -10.95 9.38 -19.63
CA LEU C 290 -11.65 8.13 -19.27
C LEU C 290 -13.11 8.13 -19.63
N ILE C 291 -13.57 6.94 -19.98
CA ILE C 291 -14.99 6.72 -20.17
C ILE C 291 -15.90 7.18 -18.99
N TYR C 292 -15.35 7.26 -17.75
CA TYR C 292 -16.16 7.68 -16.58
C TYR C 292 -16.79 9.07 -16.77
N ASN C 293 -16.19 9.90 -17.65
CA ASN C 293 -16.71 11.23 -17.95
C ASN C 293 -18.00 11.23 -18.73
N TYR C 294 -18.47 10.07 -19.21
CA TYR C 294 -19.60 10.07 -20.12
C TYR C 294 -20.70 9.20 -19.54
N LYS C 295 -21.95 9.48 -19.87
CA LYS C 295 -23.03 8.65 -19.38
C LYS C 295 -23.77 8.01 -20.53
N PRO C 296 -24.05 6.70 -20.43
CA PRO C 296 -24.69 6.11 -21.62
C PRO C 296 -26.21 6.32 -21.56
N GLU C 297 -26.93 6.06 -22.66
CA GLU C 297 -28.42 6.07 -22.68
C GLU C 297 -28.91 4.67 -22.65
N TYR C 298 -30.08 4.45 -22.05
CA TYR C 298 -30.73 3.13 -22.11
C TYR C 298 -31.33 3.00 -23.48
N THR C 299 -30.80 2.08 -24.29
CA THR C 299 -31.24 1.85 -25.66
C THR C 299 -31.88 0.47 -25.89
N GLY C 300 -32.04 -0.30 -24.81
CA GLY C 300 -32.37 -1.74 -24.90
C GLY C 300 -33.79 -2.08 -25.30
N ILE C 301 -34.75 -1.22 -24.94
CA ILE C 301 -36.17 -1.44 -25.30
C ILE C 301 -36.29 -1.60 -26.81
N GLN C 302 -35.51 -0.80 -27.52
CA GLN C 302 -35.46 -0.64 -28.99
C GLN C 302 -34.28 -1.32 -29.75
N SER C 303 -33.02 -0.91 -29.53
CA SER C 303 -31.84 -1.36 -30.35
C SER C 303 -31.20 -2.72 -29.90
N ALA C 304 -30.20 -3.18 -30.63
CA ALA C 304 -29.40 -4.35 -30.24
C ALA C 304 -28.69 -4.19 -28.90
N PHE C 305 -28.48 -2.95 -28.48
CA PHE C 305 -27.64 -2.67 -27.32
C PHE C 305 -28.46 -2.25 -26.15
N GLU C 306 -28.23 -2.86 -24.97
CA GLU C 306 -28.87 -2.36 -23.75
C GLU C 306 -28.57 -0.92 -23.44
N GLN C 307 -27.28 -0.58 -23.56
CA GLN C 307 -26.84 0.77 -23.25
C GLN C 307 -25.83 1.24 -24.30
N THR C 308 -25.97 2.52 -24.65
CA THR C 308 -25.05 3.13 -25.64
C THR C 308 -24.52 4.49 -25.23
N TYR C 309 -23.20 4.73 -25.46
CA TYR C 309 -22.61 6.00 -25.22
C TYR C 309 -22.71 6.78 -26.51
N PHE C 310 -23.32 7.95 -26.45
CA PHE C 310 -23.38 8.85 -27.63
C PHE C 310 -22.43 10.02 -27.38
N PHE C 311 -21.72 10.46 -28.41
CA PHE C 311 -20.76 11.57 -28.25
C PHE C 311 -21.02 12.67 -29.24
N ASN C 312 -20.63 13.89 -28.86
CA ASN C 312 -20.57 15.00 -29.83
C ASN C 312 -19.36 14.79 -30.71
N LYS D 26 -33.60 -27.60 -14.80
CA LYS D 26 -34.45 -26.37 -14.84
C LYS D 26 -33.71 -25.21 -14.22
N THR D 27 -33.22 -24.32 -15.07
CA THR D 27 -32.34 -23.23 -14.66
C THR D 27 -32.86 -21.89 -15.24
N ASN D 28 -32.46 -20.78 -14.62
CA ASN D 28 -32.87 -19.48 -15.08
C ASN D 28 -31.63 -18.83 -15.71
N GLU D 29 -31.59 -18.76 -17.01
CA GLU D 29 -30.41 -18.15 -17.61
C GLU D 29 -30.54 -16.68 -17.91
N ARG D 30 -31.53 -16.01 -17.31
CA ARG D 30 -31.61 -14.54 -17.39
C ARG D 30 -31.76 -14.01 -15.95
N PRO D 31 -30.81 -14.38 -15.04
CA PRO D 31 -30.96 -13.93 -13.64
C PRO D 31 -30.90 -12.40 -13.43
N ILE D 32 -31.71 -11.95 -12.52
CA ILE D 32 -31.66 -10.54 -12.11
C ILE D 32 -31.42 -10.49 -10.62
N ILE D 33 -30.41 -9.72 -10.21
CA ILE D 33 -30.07 -9.65 -8.83
C ILE D 33 -30.29 -8.22 -8.31
N GLY D 34 -30.88 -8.13 -7.12
CA GLY D 34 -31.01 -6.81 -6.50
C GLY D 34 -29.77 -6.41 -5.70
N VAL D 35 -29.49 -5.12 -5.64
CA VAL D 35 -28.35 -4.60 -4.88
C VAL D 35 -28.96 -3.46 -4.04
N LEU D 36 -28.77 -3.55 -2.72
CA LEU D 36 -29.40 -2.62 -1.80
C LEU D 36 -28.61 -1.31 -1.83
N ALA D 37 -29.34 -0.19 -1.97
CA ALA D 37 -28.76 1.18 -1.92
C ALA D 37 -28.56 1.49 -0.45
N GLN D 38 -27.62 2.35 -0.14
CA GLN D 38 -27.51 2.77 1.26
C GLN D 38 -27.59 4.26 1.46
N ASP D 39 -27.99 4.63 2.69
CA ASP D 39 -28.29 6.00 3.10
C ASP D 39 -27.14 6.95 2.83
N VAL D 40 -27.43 8.08 2.22
CA VAL D 40 -26.41 9.11 2.03
C VAL D 40 -26.31 9.87 3.38
N PHE D 41 -25.10 10.05 3.92
CA PHE D 41 -24.96 10.82 5.19
C PHE D 41 -25.74 12.13 5.31
N ASP D 42 -25.49 13.07 4.40
CA ASP D 42 -26.13 14.38 4.44
C ASP D 42 -27.12 14.43 3.25
N PRO D 43 -28.28 13.76 3.35
CA PRO D 43 -29.09 13.52 2.16
C PRO D 43 -29.80 14.77 1.63
N LYS D 44 -30.08 14.80 0.33
CA LYS D 44 -30.75 15.92 -0.33
C LYS D 44 -31.62 15.24 -1.35
N PRO D 45 -32.60 15.95 -1.92
CA PRO D 45 -33.39 15.39 -3.02
C PRO D 45 -32.52 14.82 -4.14
N ASP D 46 -32.94 13.66 -4.67
CA ASP D 46 -32.19 12.92 -5.69
C ASP D 46 -30.84 12.40 -5.19
N ARG D 47 -30.55 12.60 -3.90
CA ARG D 47 -29.31 12.11 -3.30
C ARG D 47 -29.58 11.56 -1.92
N ASN D 48 -30.58 10.71 -1.82
CA ASN D 48 -30.92 10.05 -0.52
C ASN D 48 -30.20 8.76 -0.23
N SER D 49 -29.81 8.06 -1.29
CA SER D 49 -29.09 6.81 -1.13
C SER D 49 -28.19 6.62 -2.32
N TYR D 50 -27.28 5.66 -2.23
CA TYR D 50 -26.35 5.41 -3.30
C TYR D 50 -25.91 3.95 -3.38
N ILE D 51 -25.40 3.59 -4.52
CA ILE D 51 -24.73 2.34 -4.81
C ILE D 51 -23.42 2.63 -5.59
N ALA D 52 -22.28 2.29 -5.02
CA ALA D 52 -21.05 2.21 -5.82
C ALA D 52 -21.15 1.35 -7.09
N ALA D 53 -20.73 1.89 -8.25
CA ALA D 53 -20.97 1.20 -9.50
C ALA D 53 -20.18 -0.14 -9.57
N SER D 54 -19.04 -0.25 -8.87
CA SER D 54 -18.29 -1.52 -8.81
C SER D 54 -19.17 -2.74 -8.42
N TYR D 55 -20.17 -2.56 -7.54
CA TYR D 55 -21.08 -3.68 -7.20
C TYR D 55 -21.98 -4.08 -8.35
N VAL D 56 -22.47 -3.10 -9.12
CA VAL D 56 -23.19 -3.43 -10.34
C VAL D 56 -22.30 -4.15 -11.35
N LYS D 57 -21.10 -3.61 -11.61
CA LYS D 57 -20.23 -4.18 -12.61
C LYS D 57 -19.83 -5.63 -12.22
N PHE D 58 -19.69 -5.84 -10.92
CA PHE D 58 -19.28 -7.13 -10.36
C PHE D 58 -20.28 -8.23 -10.82
N LEU D 59 -21.59 -7.94 -10.69
CA LEU D 59 -22.65 -8.88 -11.01
C LEU D 59 -22.87 -8.99 -12.47
N GLU D 60 -22.71 -7.87 -13.20
CA GLU D 60 -22.97 -7.94 -14.67
C GLU D 60 -22.01 -8.79 -15.41
N SER D 61 -20.76 -8.71 -14.97
CA SER D 61 -19.66 -9.43 -15.62
C SER D 61 -19.83 -10.94 -15.48
N ALA D 62 -20.59 -11.40 -14.48
CA ALA D 62 -20.83 -12.87 -14.30
C ALA D 62 -22.19 -13.23 -14.93
N GLY D 63 -22.70 -12.33 -15.76
CA GLY D 63 -23.89 -12.61 -16.59
C GLY D 63 -25.23 -12.47 -15.87
N ALA D 64 -25.32 -11.47 -15.00
CA ALA D 64 -26.63 -11.07 -14.40
C ALA D 64 -26.98 -9.66 -14.81
N ARG D 65 -28.28 -9.36 -14.77
CA ARG D 65 -28.70 -7.95 -14.70
C ARG D 65 -28.95 -7.53 -13.27
N VAL D 66 -28.99 -6.21 -13.04
CA VAL D 66 -29.11 -5.73 -11.68
C VAL D 66 -30.32 -4.81 -11.55
N VAL D 67 -31.01 -4.91 -10.39
CA VAL D 67 -32.03 -3.98 -9.96
C VAL D 67 -31.48 -3.30 -8.69
N PRO D 68 -31.49 -1.96 -8.65
CA PRO D 68 -31.22 -1.23 -7.38
C PRO D 68 -32.40 -1.31 -6.36
N VAL D 69 -32.13 -1.67 -5.11
CA VAL D 69 -33.19 -1.79 -4.12
C VAL D 69 -33.20 -0.54 -3.28
N MET D 70 -34.29 0.22 -3.38
CA MET D 70 -34.31 1.54 -2.75
C MET D 70 -34.53 1.34 -1.28
N ILE D 71 -34.15 2.32 -0.47
CA ILE D 71 -34.40 2.23 0.99
C ILE D 71 -35.67 3.01 1.38
N ASN D 72 -36.25 2.82 2.54
CA ASN D 72 -37.45 3.59 2.93
C ASN D 72 -38.75 3.33 2.18
N LYS D 73 -38.83 2.19 1.60
CA LYS D 73 -40.00 1.56 0.98
C LYS D 73 -40.81 0.68 1.93
N SER D 74 -42.03 0.34 1.55
CA SER D 74 -42.87 -0.52 2.41
C SER D 74 -42.49 -1.98 2.31
N GLU D 75 -42.88 -2.70 3.34
CA GLU D 75 -42.87 -4.13 3.31
C GLU D 75 -43.43 -4.75 2.02
N ASP D 76 -44.60 -4.26 1.60
CA ASP D 76 -45.31 -4.86 0.48
C ASP D 76 -44.55 -4.64 -0.82
N GLU D 77 -43.96 -3.45 -0.96
CA GLU D 77 -43.14 -3.13 -2.13
C GLU D 77 -41.93 -4.08 -2.18
N TYR D 78 -41.30 -4.29 -1.03
CA TYR D 78 -40.13 -5.12 -1.03
C TYR D 78 -40.49 -6.56 -1.34
N SER D 79 -41.62 -7.00 -0.82
CA SER D 79 -42.06 -8.38 -1.04
C SER D 79 -42.34 -8.57 -2.53
N ARG D 80 -42.86 -7.52 -3.18
CA ARG D 80 -43.13 -7.62 -4.63
C ARG D 80 -41.81 -7.75 -5.42
N LEU D 81 -40.86 -6.94 -5.04
CA LEU D 81 -39.58 -6.96 -5.68
C LEU D 81 -38.89 -8.31 -5.38
N PHE D 82 -38.96 -8.76 -4.11
CA PHE D 82 -38.32 -10.04 -3.76
C PHE D 82 -38.81 -11.20 -4.64
N LYS D 83 -40.12 -11.25 -4.82
CA LYS D 83 -40.78 -12.25 -5.67
C LYS D 83 -40.49 -12.17 -7.14
N SER D 84 -39.88 -11.06 -7.57
CA SER D 84 -39.55 -10.89 -8.99
C SER D 84 -38.06 -11.17 -9.33
N ILE D 85 -37.14 -10.94 -8.39
CA ILE D 85 -35.70 -11.07 -8.65
C ILE D 85 -35.15 -12.40 -8.16
N ASN D 86 -33.93 -12.68 -8.57
CA ASN D 86 -33.38 -13.98 -8.33
C ASN D 86 -32.32 -14.12 -7.24
N GLY D 87 -31.99 -13.04 -6.55
CA GLY D 87 -30.89 -13.05 -5.58
C GLY D 87 -30.79 -11.61 -5.08
N VAL D 88 -29.99 -11.40 -4.03
CA VAL D 88 -29.83 -10.07 -3.45
C VAL D 88 -28.45 -9.91 -2.80
N LEU D 89 -27.82 -8.77 -3.07
CA LEU D 89 -26.50 -8.46 -2.51
C LEU D 89 -26.64 -7.27 -1.56
N PHE D 90 -25.99 -7.37 -0.41
CA PHE D 90 -25.94 -6.32 0.59
C PHE D 90 -24.53 -5.82 0.57
N PRO D 91 -24.29 -4.65 -0.05
CA PRO D 91 -22.94 -4.09 -0.30
C PRO D 91 -22.31 -3.38 0.89
N GLY D 92 -21.00 -3.07 0.82
CA GLY D 92 -20.18 -2.59 2.01
C GLY D 92 -20.58 -1.15 2.02
N GLY D 93 -19.99 -0.37 2.91
CA GLY D 93 -20.36 1.01 3.10
C GLY D 93 -20.24 1.50 4.55
N GLY D 94 -20.73 2.72 4.79
CA GLY D 94 -20.46 3.39 6.05
C GLY D 94 -21.63 3.65 6.98
N VAL D 95 -22.79 3.02 6.71
CA VAL D 95 -24.05 3.39 7.43
C VAL D 95 -24.25 2.63 8.77
N SER D 96 -25.19 3.14 9.59
CA SER D 96 -25.39 2.56 10.90
C SER D 96 -26.01 1.13 10.76
N LEU D 97 -25.65 0.21 11.63
CA LEU D 97 -26.21 -1.16 11.50
C LEU D 97 -27.67 -1.41 11.99
N GLU D 98 -28.31 -0.45 12.68
CA GLU D 98 -29.68 -0.65 13.22
C GLU D 98 -30.70 0.41 12.79
N SER D 99 -30.26 1.64 12.53
CA SER D 99 -31.21 2.74 12.24
C SER D 99 -31.18 3.27 10.79
N SER D 100 -30.57 2.53 9.89
CA SER D 100 -30.38 3.08 8.58
C SER D 100 -31.54 2.47 7.79
N GLY D 101 -31.94 3.13 6.71
CA GLY D 101 -32.91 2.52 5.81
C GLY D 101 -32.31 1.24 5.20
N TYR D 102 -31.00 1.25 5.05
CA TYR D 102 -30.25 0.09 4.52
C TYR D 102 -30.47 -1.11 5.44
N SER D 103 -30.29 -0.90 6.74
CA SER D 103 -30.32 -2.08 7.63
C SER D 103 -31.75 -2.62 7.72
N LYS D 104 -32.73 -1.73 7.61
CA LYS D 104 -34.08 -2.19 7.76
C LYS D 104 -34.53 -2.97 6.52
N ALA D 105 -34.20 -2.44 5.33
CA ALA D 105 -34.42 -3.19 4.10
C ALA D 105 -33.67 -4.51 4.04
N ALA D 106 -32.44 -4.54 4.56
CA ALA D 106 -31.69 -5.82 4.55
C ALA D 106 -32.36 -6.84 5.47
N GLY D 107 -32.90 -6.40 6.60
CA GLY D 107 -33.66 -7.29 7.47
C GLY D 107 -34.89 -7.87 6.83
N ILE D 108 -35.58 -7.04 6.07
CA ILE D 108 -36.75 -7.51 5.30
C ILE D 108 -36.38 -8.62 4.28
N PHE D 109 -35.38 -8.35 3.43
CA PHE D 109 -34.92 -9.31 2.46
C PHE D 109 -34.38 -10.55 3.15
N TYR D 110 -33.68 -10.35 4.25
CA TYR D 110 -33.16 -11.52 4.98
C TYR D 110 -34.31 -12.44 5.46
N ARG D 111 -35.31 -11.86 6.10
CA ARG D 111 -36.52 -12.63 6.52
C ARG D 111 -37.27 -13.28 5.37
N LEU D 112 -37.46 -12.53 4.25
CA LEU D 112 -38.07 -13.15 3.03
C LEU D 112 -37.25 -14.28 2.50
N ALA D 113 -35.92 -14.14 2.54
CA ALA D 113 -35.07 -15.22 1.97
C ALA D 113 -35.12 -16.47 2.85
N LEU D 114 -35.07 -16.29 4.14
CA LEU D 114 -35.14 -17.52 5.05
C LEU D 114 -36.46 -18.22 4.86
N GLU D 115 -37.55 -17.45 4.70
CA GLU D 115 -38.91 -18.08 4.52
C GLU D 115 -38.92 -18.86 3.21
N ALA D 116 -38.52 -18.20 2.11
CA ALA D 116 -38.56 -18.84 0.82
C ALA D 116 -37.66 -20.11 0.81
N ASN D 117 -36.42 -20.00 1.29
CA ASN D 117 -35.54 -21.19 1.29
C ASN D 117 -36.09 -22.26 2.20
N SER D 118 -36.62 -21.88 3.36
CA SER D 118 -37.24 -22.88 4.33
C SER D 118 -38.44 -23.57 3.69
N ASN D 119 -39.17 -22.83 2.87
CA ASN D 119 -40.31 -23.43 2.17
C ASN D 119 -39.95 -24.41 1.05
N GLY D 120 -38.74 -24.27 0.47
CA GLY D 120 -38.30 -25.04 -0.67
C GLY D 120 -37.97 -24.23 -1.94
N ASP D 121 -38.03 -22.90 -1.87
CA ASP D 121 -37.58 -22.07 -2.99
C ASP D 121 -36.14 -21.63 -2.74
N TYR D 122 -35.31 -21.60 -3.79
CA TYR D 122 -33.91 -21.29 -3.58
C TYR D 122 -33.71 -19.82 -3.86
N PHE D 123 -33.18 -19.07 -2.88
CA PHE D 123 -32.96 -17.65 -3.06
C PHE D 123 -31.67 -17.20 -2.33
N PRO D 124 -30.65 -16.81 -3.13
CA PRO D 124 -29.34 -16.61 -2.52
C PRO D 124 -29.13 -15.15 -2.10
N VAL D 125 -28.30 -14.97 -1.08
CA VAL D 125 -28.07 -13.66 -0.49
C VAL D 125 -26.57 -13.54 -0.38
N TRP D 126 -26.04 -12.37 -0.74
CA TRP D 126 -24.61 -12.16 -0.59
C TRP D 126 -24.35 -10.92 0.29
N GLY D 127 -23.45 -10.97 1.28
CA GLY D 127 -23.12 -9.74 2.04
C GLY D 127 -21.65 -9.40 1.95
N THR D 128 -21.32 -8.17 1.55
CA THR D 128 -19.93 -7.74 1.39
C THR D 128 -19.66 -6.64 2.39
N ALA D 129 -18.67 -6.87 3.26
CA ALA D 129 -18.21 -5.84 4.20
C ALA D 129 -19.33 -5.38 5.12
N LEU D 130 -19.90 -4.19 4.91
CA LEU D 130 -21.08 -3.80 5.71
C LEU D 130 -22.15 -4.92 5.67
N GLY D 131 -22.30 -5.53 4.48
CA GLY D 131 -23.27 -6.59 4.28
C GLY D 131 -22.96 -7.80 5.18
N PHE D 132 -21.67 -8.08 5.34
CA PHE D 132 -21.22 -9.20 6.11
C PHE D 132 -21.50 -8.89 7.55
N GLU D 133 -21.23 -7.66 7.96
CA GLU D 133 -21.54 -7.21 9.30
C GLU D 133 -23.02 -7.42 9.60
N LEU D 134 -23.88 -6.87 8.74
CA LEU D 134 -25.34 -7.04 8.89
C LEU D 134 -25.82 -8.49 9.01
N LEU D 135 -25.26 -9.36 8.17
CA LEU D 135 -25.59 -10.79 8.29
C LEU D 135 -25.27 -11.34 9.72
N THR D 136 -24.10 -11.06 10.30
CA THR D 136 -23.79 -11.49 11.67
C THR D 136 -24.81 -10.96 12.68
N LEU D 137 -25.18 -9.69 12.55
CA LEU D 137 -26.23 -9.08 13.39
C LEU D 137 -27.64 -9.71 13.26
N LEU D 138 -28.13 -9.85 12.01
CA LEU D 138 -29.43 -10.40 11.71
C LEU D 138 -29.50 -11.84 12.19
N THR D 139 -28.44 -12.63 12.02
CA THR D 139 -28.59 -14.01 12.52
C THR D 139 -28.38 -14.18 14.04
N SER D 140 -27.41 -13.45 14.58
CA SER D 140 -27.10 -13.59 16.00
C SER D 140 -27.99 -12.73 16.87
N GLY D 141 -28.56 -11.65 16.32
CA GLY D 141 -29.27 -10.69 17.15
C GLY D 141 -28.36 -9.89 18.05
N GLU D 142 -27.04 -10.00 17.88
CA GLU D 142 -26.15 -9.19 18.70
C GLU D 142 -25.16 -8.43 17.85
N LEU D 143 -24.56 -7.42 18.44
CA LEU D 143 -23.46 -6.62 17.85
C LEU D 143 -22.07 -7.07 18.40
N LEU D 144 -21.32 -7.82 17.60
CA LEU D 144 -20.15 -8.53 18.10
C LEU D 144 -18.82 -8.06 17.52
N LEU D 145 -18.82 -6.90 16.88
CA LEU D 145 -17.66 -6.39 16.15
C LEU D 145 -16.62 -5.81 17.06
N SER D 146 -15.35 -5.89 16.66
CA SER D 146 -14.18 -5.44 17.40
C SER D 146 -13.35 -4.61 16.43
N HIS D 147 -12.56 -3.68 16.97
CA HIS D 147 -11.73 -2.83 16.12
C HIS D 147 -10.51 -3.56 15.52
N THR D 148 -10.25 -3.34 14.22
CA THR D 148 -9.05 -3.85 13.56
C THR D 148 -8.51 -2.75 12.64
N ASN D 149 -7.20 -2.76 12.45
CA ASN D 149 -6.56 -1.78 11.58
C ASN D 149 -6.58 -2.19 10.15
N THR D 150 -7.79 -2.28 9.61
CA THR D 150 -7.97 -2.85 8.29
C THR D 150 -8.65 -1.87 7.37
N SER D 151 -8.43 -0.58 7.66
CA SER D 151 -9.04 0.48 6.84
C SER D 151 -8.58 0.52 5.35
N GLY D 152 -7.43 -0.05 5.04
CA GLY D 152 -6.90 -0.07 3.66
C GLY D 152 -5.73 -1.03 3.49
N ILE D 153 -6.04 -2.31 3.35
CA ILE D 153 -4.97 -3.32 3.29
C ILE D 153 -5.35 -4.49 2.39
N ALA D 154 -4.39 -5.03 1.66
CA ALA D 154 -4.64 -6.16 0.75
C ALA D 154 -4.09 -7.38 1.45
N LEU D 155 -4.88 -8.45 1.50
CA LEU D 155 -4.56 -9.61 2.31
C LEU D 155 -4.82 -10.91 1.53
N PRO D 156 -4.01 -11.95 1.77
CA PRO D 156 -4.35 -13.29 1.24
C PRO D 156 -5.52 -13.78 2.03
N LEU D 157 -6.03 -14.99 1.79
CA LEU D 157 -7.01 -15.58 2.68
C LEU D 157 -6.32 -16.75 3.38
N ASP D 158 -6.48 -16.84 4.69
CA ASP D 158 -6.04 -18.02 5.43
C ASP D 158 -7.24 -18.96 5.49
N PHE D 159 -7.25 -19.92 4.58
CA PHE D 159 -8.40 -20.79 4.46
C PHE D 159 -8.51 -21.69 5.66
N THR D 160 -9.72 -22.08 6.00
CA THR D 160 -9.91 -23.08 7.01
C THR D 160 -9.91 -24.45 6.37
N GLU D 161 -9.87 -25.48 7.20
CA GLU D 161 -9.98 -26.84 6.71
C GLU D 161 -11.29 -27.04 5.94
N ASP D 162 -12.31 -26.27 6.30
CA ASP D 162 -13.67 -26.38 5.76
C ASP D 162 -13.86 -25.83 4.32
N VAL D 163 -12.83 -25.21 3.72
CA VAL D 163 -12.91 -24.68 2.35
C VAL D 163 -12.94 -25.83 1.40
N LYS D 164 -12.43 -26.96 1.92
CA LYS D 164 -12.39 -28.27 1.30
C LYS D 164 -13.65 -28.55 0.47
N GLY D 165 -14.70 -28.99 1.11
CA GLY D 165 -15.91 -29.22 0.33
C GLY D 165 -16.89 -28.05 0.52
N SER D 166 -16.38 -26.80 0.45
CA SER D 166 -17.22 -25.62 0.64
C SER D 166 -18.07 -25.49 -0.65
N ARG D 167 -19.18 -24.77 -0.61
CA ARG D 167 -19.91 -24.55 -1.84
C ARG D 167 -19.25 -23.39 -2.60
N LEU D 168 -18.90 -22.31 -1.90
CA LEU D 168 -18.42 -21.08 -2.56
C LEU D 168 -17.28 -21.37 -3.51
N PHE D 169 -16.26 -22.06 -3.03
CA PHE D 169 -15.04 -22.24 -3.79
C PHE D 169 -14.96 -23.50 -4.65
N LYS D 170 -16.01 -24.27 -4.70
CA LYS D 170 -15.93 -25.61 -5.34
C LYS D 170 -15.45 -25.53 -6.78
N GLU D 171 -15.83 -24.49 -7.47
CA GLU D 171 -15.47 -24.37 -8.85
C GLU D 171 -14.25 -23.49 -9.16
N PHE D 172 -13.55 -22.99 -8.15
CA PHE D 172 -12.34 -22.21 -8.40
C PHE D 172 -11.22 -23.10 -8.91
N PRO D 173 -10.40 -22.59 -9.87
CA PRO D 173 -9.17 -23.27 -10.31
C PRO D 173 -8.24 -23.53 -9.15
N GLU D 174 -7.58 -24.68 -9.14
CA GLU D 174 -6.68 -24.98 -8.02
C GLU D 174 -5.60 -23.90 -7.97
N GLU D 175 -5.08 -23.44 -9.10
CA GLU D 175 -4.04 -22.42 -9.00
C GLU D 175 -4.52 -21.13 -8.39
N LEU D 176 -5.77 -20.80 -8.63
CA LEU D 176 -6.34 -19.56 -8.06
C LEU D 176 -6.47 -19.67 -6.56
N MET D 177 -6.94 -20.83 -6.09
CA MET D 177 -7.01 -21.12 -4.66
C MET D 177 -5.62 -20.99 -3.98
N LYS D 178 -4.60 -21.48 -4.68
CA LYS D 178 -3.22 -21.34 -4.21
C LYS D 178 -2.78 -19.89 -4.14
N SER D 179 -3.08 -19.16 -5.20
CA SER D 179 -2.71 -17.73 -5.23
C SER D 179 -3.42 -16.99 -4.13
N LEU D 180 -4.69 -17.33 -3.91
CA LEU D 180 -5.50 -16.67 -2.89
C LEU D 180 -4.93 -16.89 -1.47
N ALA D 181 -4.40 -18.08 -1.22
CA ALA D 181 -3.77 -18.43 0.08
C ALA D 181 -2.43 -17.71 0.29
N THR D 182 -1.81 -17.25 -0.79
CA THR D 182 -0.42 -16.78 -0.67
C THR D 182 -0.11 -15.38 -1.17
N GLU D 183 -1.04 -14.74 -1.88
CA GLU D 183 -0.79 -13.42 -2.42
C GLU D 183 -1.86 -12.41 -1.85
N PRO D 184 -1.53 -11.11 -1.80
CA PRO D 184 -2.44 -10.15 -1.22
C PRO D 184 -3.50 -9.77 -2.25
N LEU D 185 -4.50 -10.63 -2.37
CA LEU D 185 -5.46 -10.50 -3.42
C LEU D 185 -6.78 -9.93 -2.97
N THR D 186 -6.97 -9.71 -1.67
CA THR D 186 -8.31 -9.33 -1.17
C THR D 186 -8.26 -7.97 -0.50
N GLU D 187 -9.16 -7.12 -0.96
CA GLU D 187 -9.22 -5.75 -0.46
C GLU D 187 -9.97 -5.59 0.83
N ASN D 188 -9.31 -5.07 1.85
CA ASN D 188 -10.00 -4.81 3.11
C ASN D 188 -10.06 -3.32 3.32
N SER D 189 -11.22 -2.82 3.69
CA SER D 189 -11.36 -1.39 3.98
C SER D 189 -12.46 -1.18 4.97
N HIS D 190 -12.38 -1.90 6.08
CA HIS D 190 -13.33 -1.78 7.17
C HIS D 190 -12.54 -1.56 8.49
N GLN D 191 -13.16 -1.08 9.53
CA GLN D 191 -12.40 -1.11 10.73
C GLN D 191 -13.01 -1.82 11.90
N TRP D 192 -14.06 -2.60 11.67
CA TRP D 192 -14.70 -3.40 12.76
C TRP D 192 -14.83 -4.80 12.16
N SER D 193 -14.36 -5.83 12.86
CA SER D 193 -14.37 -7.22 12.34
C SER D 193 -15.00 -8.12 13.41
N ILE D 194 -15.33 -9.39 13.14
CA ILE D 194 -15.71 -10.28 14.27
C ILE D 194 -14.56 -11.20 14.45
N THR D 195 -13.98 -11.31 15.65
CA THR D 195 -12.85 -12.19 15.86
C THR D 195 -13.37 -13.62 15.83
N THR D 196 -12.50 -14.56 15.52
CA THR D 196 -12.90 -15.98 15.56
C THR D 196 -13.34 -16.40 16.98
N GLU D 197 -12.75 -15.82 18.04
CA GLU D 197 -13.14 -16.16 19.40
C GLU D 197 -14.58 -15.73 19.60
N ASN D 198 -14.88 -14.48 19.22
CA ASN D 198 -16.26 -14.01 19.40
C ASN D 198 -17.26 -14.77 18.51
N PHE D 199 -16.86 -15.13 17.29
CA PHE D 199 -17.75 -15.90 16.45
C PHE D 199 -18.03 -17.27 17.15
N THR D 200 -16.98 -17.97 17.52
CA THR D 200 -17.12 -19.28 18.17
C THR D 200 -17.92 -19.25 19.45
N ALA D 201 -17.72 -18.21 20.25
CA ALA D 201 -18.51 -18.00 21.47
C ALA D 201 -19.96 -17.64 21.26
N ASN D 202 -20.39 -17.35 20.03
CA ASN D 202 -21.82 -17.13 19.83
C ASN D 202 -22.44 -18.38 19.29
N LYS D 203 -23.34 -19.04 20.05
CA LYS D 203 -23.88 -20.33 19.57
C LYS D 203 -24.65 -20.20 18.26
N LYS D 204 -25.41 -19.11 18.15
CA LYS D 204 -26.23 -18.95 16.95
C LYS D 204 -25.35 -18.81 15.72
N LEU D 205 -24.33 -17.96 15.74
CA LEU D 205 -23.41 -17.88 14.57
C LEU D 205 -22.73 -19.21 14.30
N LYS D 206 -22.25 -19.83 15.36
CA LYS D 206 -21.49 -21.07 15.21
C LYS D 206 -22.28 -22.16 14.55
N LYS D 207 -23.57 -22.23 14.86
CA LYS D 207 -24.40 -23.29 14.29
C LYS D 207 -24.90 -22.89 12.86
N PHE D 208 -24.88 -21.60 12.57
CA PHE D 208 -25.47 -21.13 11.32
C PHE D 208 -24.48 -21.01 10.16
N TYR D 209 -23.25 -20.60 10.45
CA TYR D 209 -22.24 -20.25 9.41
C TYR D 209 -21.01 -21.12 9.47
N ARG D 210 -20.61 -21.59 8.33
CA ARG D 210 -19.35 -22.30 8.16
C ARG D 210 -18.30 -21.23 7.82
N VAL D 211 -17.27 -21.11 8.66
CA VAL D 211 -16.16 -20.21 8.34
C VAL D 211 -15.23 -20.85 7.28
N LEU D 212 -14.98 -20.12 6.19
CA LEU D 212 -14.16 -20.62 5.10
C LEU D 212 -12.74 -20.02 5.15
N SER D 213 -12.61 -18.79 5.63
CA SER D 213 -11.30 -18.16 5.72
C SER D 213 -11.29 -17.16 6.89
N THR D 214 -10.09 -16.85 7.37
CA THR D 214 -9.89 -15.93 8.47
C THR D 214 -8.70 -15.06 8.00
N ASN D 215 -8.49 -13.97 8.70
CA ASN D 215 -7.25 -13.22 8.55
C ASN D 215 -6.79 -12.73 9.94
N THR D 216 -5.57 -12.23 10.03
CA THR D 216 -5.04 -11.78 11.32
C THR D 216 -4.58 -10.33 11.31
N ASP D 217 -5.13 -9.55 12.23
CA ASP D 217 -4.65 -8.19 12.46
C ASP D 217 -3.97 -8.22 13.79
N GLY D 218 -2.65 -8.36 13.78
CA GLY D 218 -1.90 -8.30 15.02
C GLY D 218 -2.20 -9.50 15.88
N TYR D 219 -2.81 -9.28 17.04
CA TYR D 219 -3.20 -10.44 17.87
C TYR D 219 -4.61 -10.99 17.55
N ASN D 220 -5.37 -10.28 16.70
CA ASN D 220 -6.79 -10.54 16.48
C ASN D 220 -7.02 -11.28 15.20
N LYS D 221 -7.42 -12.52 15.35
CA LYS D 221 -7.70 -13.31 14.19
C LYS D 221 -9.20 -13.16 13.93
N PHE D 222 -9.60 -12.77 12.70
CA PHE D 222 -11.01 -12.46 12.39
C PHE D 222 -11.59 -13.26 11.21
N VAL D 223 -12.89 -13.51 11.21
CA VAL D 223 -13.55 -14.18 10.10
C VAL D 223 -13.57 -13.31 8.87
N SER D 224 -13.08 -13.84 7.75
CA SER D 224 -13.04 -13.04 6.51
C SER D 224 -13.97 -13.54 5.37
N THR D 225 -14.31 -14.84 5.35
CA THR D 225 -15.26 -15.40 4.35
C THR D 225 -16.08 -16.49 5.09
N MET D 226 -17.39 -16.56 4.86
CA MET D 226 -18.23 -17.62 5.50
C MET D 226 -19.41 -17.94 4.59
N GLU D 227 -20.06 -19.07 4.85
CA GLU D 227 -21.26 -19.42 4.11
C GLU D 227 -22.19 -20.19 5.06
N ALA D 228 -23.50 -20.00 4.92
CA ALA D 228 -24.43 -20.68 5.84
C ALA D 228 -24.44 -22.17 5.53
N TYR D 229 -24.41 -22.98 6.57
CA TYR D 229 -24.55 -24.44 6.42
C TYR D 229 -25.81 -24.80 5.69
N ASP D 230 -26.92 -24.18 6.04
CA ASP D 230 -28.21 -24.71 5.54
C ASP D 230 -28.98 -23.79 4.58
N PHE D 231 -28.37 -22.67 4.18
CA PHE D 231 -29.05 -21.72 3.31
C PHE D 231 -28.01 -21.16 2.30
N PRO D 232 -28.42 -20.71 1.11
CA PRO D 232 -27.48 -20.14 0.15
C PRO D 232 -27.25 -18.68 0.52
N ILE D 233 -26.54 -18.49 1.62
CA ILE D 233 -26.14 -17.17 2.11
C ILE D 233 -24.63 -17.15 2.30
N TYR D 234 -23.97 -16.15 1.69
CA TYR D 234 -22.51 -16.10 1.55
C TYR D 234 -22.08 -14.71 1.92
N ALA D 235 -20.93 -14.58 2.59
CA ALA D 235 -20.51 -13.27 3.05
C ALA D 235 -18.98 -13.17 3.06
N THR D 236 -18.47 -12.03 2.62
CA THR D 236 -17.04 -11.70 2.68
C THR D 236 -16.85 -10.43 3.49
N GLN D 237 -15.90 -10.48 4.41
CA GLN D 237 -15.48 -9.22 5.11
C GLN D 237 -14.78 -8.24 4.14
N TRP D 238 -14.14 -8.82 3.13
CA TRP D 238 -13.33 -8.07 2.17
C TRP D 238 -14.21 -7.75 0.91
N HIS D 239 -13.67 -6.94 -0.01
CA HIS D 239 -14.41 -6.39 -1.18
C HIS D 239 -14.00 -7.03 -2.54
N PRO D 240 -14.61 -8.21 -2.92
CA PRO D 240 -14.23 -8.87 -4.20
C PRO D 240 -14.33 -7.88 -5.42
N GLU D 241 -15.24 -6.92 -5.36
CA GLU D 241 -15.57 -6.17 -6.53
C GLU D 241 -14.52 -5.14 -6.82
N LYS D 242 -13.65 -4.86 -5.87
CA LYS D 242 -12.70 -3.74 -6.12
C LYS D 242 -11.57 -4.03 -7.10
N ASN D 243 -11.19 -5.30 -7.20
CA ASN D 243 -9.94 -5.61 -7.90
C ASN D 243 -9.98 -5.23 -9.38
N ALA D 244 -11.11 -5.54 -10.03
CA ALA D 244 -11.23 -5.28 -11.45
C ALA D 244 -11.72 -3.93 -11.74
N PHE D 245 -12.36 -3.29 -10.76
CA PHE D 245 -13.20 -2.12 -11.12
C PHE D 245 -12.86 -0.78 -10.47
N GLU D 246 -12.07 -0.78 -9.40
CA GLU D 246 -11.83 0.46 -8.64
C GLU D 246 -10.34 0.73 -8.66
N TRP D 247 -9.93 1.97 -8.96
CA TRP D 247 -8.51 2.29 -9.26
C TRP D 247 -8.08 3.50 -8.43
N THR D 248 -8.78 3.74 -7.31
CA THR D 248 -8.66 4.99 -6.50
C THR D 248 -7.60 4.93 -5.39
N ARG D 249 -7.13 3.73 -5.02
CA ARG D 249 -6.16 3.59 -3.92
C ARG D 249 -5.08 2.61 -4.36
N PRO D 250 -3.79 2.93 -4.08
CA PRO D 250 -2.62 2.17 -4.57
C PRO D 250 -2.52 0.73 -4.05
N TYR D 251 -3.15 0.45 -2.94
CA TYR D 251 -3.03 -0.88 -2.42
C TYR D 251 -4.11 -1.85 -3.01
N ILE D 252 -5.09 -1.36 -3.76
CA ILE D 252 -6.19 -2.26 -4.30
C ILE D 252 -5.51 -3.35 -5.15
N PRO D 253 -5.76 -4.64 -4.90
CA PRO D 253 -5.14 -5.69 -5.72
C PRO D 253 -5.54 -5.63 -7.22
N HIS D 254 -4.56 -5.60 -8.14
CA HIS D 254 -4.79 -5.52 -9.59
C HIS D 254 -3.95 -6.53 -10.39
N THR D 255 -3.32 -7.48 -9.72
CA THR D 255 -2.57 -8.53 -10.45
C THR D 255 -3.56 -9.40 -11.25
N PRO D 256 -3.05 -10.18 -12.26
CA PRO D 256 -3.96 -11.03 -13.00
C PRO D 256 -4.76 -11.96 -12.10
N SER D 257 -4.16 -12.53 -11.05
CA SER D 257 -4.97 -13.43 -10.23
C SER D 257 -6.00 -12.66 -9.34
N ALA D 258 -5.69 -11.40 -9.01
CA ALA D 258 -6.68 -10.53 -8.35
C ALA D 258 -7.90 -10.34 -9.25
N ILE D 259 -7.70 -10.11 -10.55
CA ILE D 259 -8.78 -10.01 -11.53
C ILE D 259 -9.63 -11.31 -11.61
N LYS D 260 -8.96 -12.47 -11.65
CA LYS D 260 -9.72 -13.73 -11.76
C LYS D 260 -10.54 -13.95 -10.50
N THR D 261 -9.98 -13.56 -9.35
CA THR D 261 -10.73 -13.65 -8.05
C THR D 261 -12.05 -12.91 -8.15
N THR D 262 -12.04 -11.66 -8.60
CA THR D 262 -13.35 -10.99 -8.67
C THR D 262 -14.33 -11.68 -9.63
N PHE D 263 -13.85 -12.16 -10.77
CA PHE D 263 -14.75 -12.91 -11.67
C PHE D 263 -15.27 -14.22 -11.00
N TYR D 264 -14.37 -15.04 -10.51
CA TYR D 264 -14.84 -16.33 -9.92
C TYR D 264 -15.78 -16.15 -8.73
N MET D 265 -15.55 -15.12 -7.92
CA MET D 265 -16.43 -14.85 -6.76
C MET D 265 -17.83 -14.47 -7.33
N ALA D 266 -17.84 -13.61 -8.34
CA ALA D 266 -19.16 -13.20 -8.85
C ALA D 266 -19.84 -14.36 -9.60
N ASN D 267 -19.03 -15.16 -10.30
CA ASN D 267 -19.56 -16.28 -11.09
C ASN D 267 -20.26 -17.29 -10.19
N PHE D 268 -19.61 -17.62 -9.07
CA PHE D 268 -20.29 -18.48 -8.08
C PHE D 268 -21.70 -17.91 -7.72
N PHE D 269 -21.74 -16.63 -7.36
CA PHE D 269 -22.98 -16.10 -6.82
C PHE D 269 -24.10 -16.02 -7.88
N VAL D 270 -23.75 -15.58 -9.11
CA VAL D 270 -24.74 -15.57 -10.20
C VAL D 270 -25.22 -17.01 -10.53
N ASN D 271 -24.33 -18.01 -10.45
CA ASN D 271 -24.72 -19.41 -10.62
C ASN D 271 -25.68 -19.84 -9.52
N GLU D 272 -25.60 -19.20 -8.35
CA GLU D 272 -26.65 -19.40 -7.28
C GLU D 272 -28.03 -18.82 -7.69
N ALA D 273 -28.00 -17.62 -8.25
CA ALA D 273 -29.20 -16.90 -8.68
C ALA D 273 -29.88 -17.67 -9.83
N ARG D 274 -29.10 -18.38 -10.67
CA ARG D 274 -29.68 -19.12 -11.78
C ARG D 274 -30.52 -20.33 -11.25
N LYS D 275 -30.39 -20.65 -9.98
CA LYS D 275 -31.25 -21.74 -9.43
C LYS D 275 -32.61 -21.16 -8.98
N ASN D 276 -32.77 -19.84 -9.03
CA ASN D 276 -34.03 -19.27 -8.61
C ASN D 276 -34.90 -18.89 -9.85
N LEU D 277 -36.19 -19.19 -9.76
CA LEU D 277 -37.04 -19.16 -10.91
C LEU D 277 -38.02 -18.00 -10.87
N HIS D 278 -37.86 -17.07 -9.93
CA HIS D 278 -38.75 -15.91 -9.88
C HIS D 278 -38.65 -15.16 -11.22
N SER D 279 -39.72 -14.46 -11.63
CA SER D 279 -39.62 -13.43 -12.69
C SER D 279 -40.57 -12.27 -12.39
N PHE D 280 -40.36 -11.15 -13.07
CA PHE D 280 -41.26 -10.01 -12.94
C PHE D 280 -42.60 -10.32 -13.56
N ALA D 281 -43.66 -9.71 -13.05
CA ALA D 281 -45.03 -9.93 -13.58
C ALA D 281 -45.15 -9.49 -15.04
N SER D 282 -44.32 -8.57 -15.52
CA SER D 282 -44.36 -8.27 -16.94
C SER D 282 -43.01 -7.74 -17.38
N THR D 283 -42.71 -7.87 -18.66
CA THR D 283 -41.44 -7.31 -19.18
C THR D 283 -41.34 -5.79 -19.01
N GLU D 284 -42.50 -5.10 -19.03
CA GLU D 284 -42.51 -3.64 -18.76
C GLU D 284 -42.11 -3.29 -17.34
N GLU D 285 -42.60 -4.04 -16.35
CA GLU D 285 -42.15 -3.82 -14.96
C GLU D 285 -40.67 -4.15 -14.80
N GLU D 286 -40.21 -5.20 -15.48
CA GLU D 286 -38.81 -5.61 -15.45
C GLU D 286 -37.94 -4.46 -15.95
N GLU D 287 -38.28 -3.95 -17.14
CA GLU D 287 -37.54 -2.88 -17.78
C GLU D 287 -37.45 -1.62 -16.95
N LYS D 288 -38.52 -1.26 -16.22
CA LYS D 288 -38.48 -0.05 -15.41
C LYS D 288 -37.61 -0.23 -14.13
N ALA D 289 -37.36 -1.48 -13.73
CA ALA D 289 -36.69 -1.71 -12.45
C ALA D 289 -35.16 -1.74 -12.62
N LEU D 290 -34.70 -1.98 -13.83
CA LEU D 290 -33.28 -2.29 -14.08
C LEU D 290 -32.42 -1.08 -13.84
N ILE D 291 -31.17 -1.34 -13.49
CA ILE D 291 -30.17 -0.28 -13.17
C ILE D 291 -29.90 0.60 -14.43
N TYR D 292 -30.22 0.08 -15.60
CA TYR D 292 -30.02 0.79 -16.89
C TYR D 292 -30.85 2.07 -16.92
N ASN D 293 -31.85 2.17 -16.03
CA ASN D 293 -32.61 3.41 -15.92
C ASN D 293 -31.90 4.55 -15.23
N TYR D 294 -30.74 4.26 -14.67
CA TYR D 294 -30.03 5.22 -13.86
C TYR D 294 -28.68 5.50 -14.44
N LYS D 295 -28.20 6.71 -14.16
CA LYS D 295 -26.90 7.17 -14.58
C LYS D 295 -26.04 7.50 -13.38
N PRO D 296 -24.86 6.89 -13.32
CA PRO D 296 -23.94 7.14 -12.18
C PRO D 296 -23.22 8.51 -12.35
N GLU D 297 -22.54 9.02 -11.32
CA GLU D 297 -21.65 10.17 -11.44
C GLU D 297 -20.23 9.70 -11.30
N TYR D 298 -19.33 10.46 -11.91
CA TYR D 298 -17.91 10.22 -11.82
C TYR D 298 -17.43 10.77 -10.49
N THR D 299 -17.05 9.90 -9.57
CA THR D 299 -16.74 10.28 -8.21
C THR D 299 -15.27 9.92 -7.90
N GLY D 300 -14.57 9.42 -8.93
CA GLY D 300 -13.22 8.94 -8.78
C GLY D 300 -12.10 9.94 -8.45
N ILE D 301 -12.23 11.21 -8.78
CA ILE D 301 -11.11 12.13 -8.55
C ILE D 301 -10.93 12.32 -7.05
N GLN D 302 -12.04 12.27 -6.33
CA GLN D 302 -12.09 12.54 -4.88
C GLN D 302 -12.31 11.30 -3.96
N SER D 303 -13.27 10.43 -4.28
CA SER D 303 -13.76 9.36 -3.36
C SER D 303 -13.13 7.98 -3.56
N ALA D 304 -13.52 7.00 -2.76
CA ALA D 304 -12.97 5.67 -2.96
C ALA D 304 -13.56 4.96 -4.14
N PHE D 305 -14.62 5.51 -4.70
CA PHE D 305 -15.29 4.85 -5.86
C PHE D 305 -15.16 5.66 -7.16
N GLU D 306 -14.87 4.98 -8.26
CA GLU D 306 -14.70 5.72 -9.56
C GLU D 306 -16.03 6.28 -9.98
N GLN D 307 -17.10 5.49 -9.76
CA GLN D 307 -18.42 5.92 -10.16
C GLN D 307 -19.44 5.58 -9.06
N THR D 308 -20.39 6.47 -8.81
CA THR D 308 -21.50 6.10 -7.93
C THR D 308 -22.86 6.49 -8.41
N TYR D 309 -23.84 5.59 -8.21
CA TYR D 309 -25.24 5.83 -8.53
C TYR D 309 -25.86 6.48 -7.31
N PHE D 310 -26.40 7.69 -7.50
CA PHE D 310 -27.19 8.37 -6.47
C PHE D 310 -28.69 8.28 -6.76
N PHE D 311 -29.50 8.01 -5.74
CA PHE D 311 -30.94 7.86 -5.93
C PHE D 311 -31.76 8.79 -5.06
N ASN D 312 -32.90 9.25 -5.56
CA ASN D 312 -33.91 9.87 -4.69
C ASN D 312 -34.58 8.82 -3.78
N1 MTX E . 42.70 -6.79 25.14
C2 MTX E . 42.42 -7.69 26.13
NA2 MTX E . 42.60 -9.01 25.91
N3 MTX E . 41.98 -7.25 27.34
C4 MTX E . 41.79 -5.92 27.57
NA4 MTX E . 41.36 -5.48 28.75
C4A MTX E . 42.07 -4.96 26.55
N5 MTX E . 41.90 -3.63 26.73
C6 MTX E . 42.18 -2.76 25.73
C7 MTX E . 42.63 -3.24 24.50
N8 MTX E . 42.81 -4.61 24.30
C8A MTX E . 42.53 -5.45 25.31
C9 MTX E . 42.00 -1.39 25.91
N10 MTX E . 41.00 -0.93 24.91
CM MTX E . 39.57 -1.02 25.29
C11 MTX E . 42.14 0.50 21.10
C12 MTX E . 43.02 -0.34 21.79
C13 MTX E . 42.59 -0.82 23.06
C14 MTX E . 41.35 -0.47 23.67
C15 MTX E . 40.49 0.40 22.98
C16 MTX E . 40.90 0.86 21.71
C MTX E . 42.42 1.03 19.83
O MTX E . 43.67 1.00 19.32
N MTX E . 41.40 1.56 19.17
CA MTX E . 41.61 2.23 17.90
CT MTX E . 42.54 3.46 18.17
O1 MTX E . 42.64 3.89 19.35
O2 MTX E . 43.07 4.03 17.21
CB MTX E . 40.21 2.60 17.40
CG MTX E . 39.54 3.61 18.36
CD MTX E . 38.06 3.24 18.52
OE1 MTX E . 37.49 3.55 19.60
OE2 MTX E . 37.57 2.49 17.66
N1 MTX F . -25.26 4.05 -43.11
C2 MTX F . -25.83 5.29 -43.05
NA2 MTX F . -25.15 6.36 -43.49
N3 MTX F . -27.11 5.42 -42.57
C4 MTX F . -27.81 4.33 -42.13
NA4 MTX F . -29.04 4.45 -41.65
C4A MTX F . -27.23 3.03 -42.17
N5 MTX F . -27.88 1.90 -41.74
C6 MTX F . -27.29 0.68 -41.79
C7 MTX F . -25.99 0.58 -42.30
N8 MTX F . -25.30 1.73 -42.76
C8A MTX F . -25.91 2.93 -42.68
C9 MTX F . -27.96 -0.48 -41.36
N10 MTX F . -27.18 -1.23 -40.33
CM MTX F . -27.45 -0.97 -38.90
C11 MTX F . -23.91 -3.82 -41.28
C12 MTX F . -24.53 -3.07 -42.33
C13 MTX F . -25.62 -2.23 -41.97
C14 MTX F . -26.14 -2.08 -40.65
C15 MTX F . -25.52 -2.83 -39.64
C16 MTX F . -24.44 -3.68 -39.97
C MTX F . -22.83 -4.72 -41.51
O MTX F . -22.48 -5.10 -42.76
N MTX F . -22.18 -5.11 -40.45
CA MTX F . -21.09 -6.09 -40.54
CT MTX F . -21.69 -7.44 -41.10
O1 MTX F . -20.93 -8.29 -41.48
O2 MTX F . -22.90 -7.57 -41.15
CB MTX F . -20.48 -6.29 -39.13
CG MTX F . -21.44 -7.08 -38.18
CD MTX F . -21.48 -6.41 -36.80
OE1 MTX F . -20.44 -5.80 -36.45
OE2 MTX F . -22.56 -6.43 -36.14
#